data_1HO4
#
_entry.id   1HO4
#
_cell.length_a   128.800
_cell.length_b   156.300
_cell.length_c   127.500
_cell.angle_alpha   90.00
_cell.angle_beta   90.00
_cell.angle_gamma   90.00
#
_symmetry.space_group_name_H-M   'C 2 2 21'
#
loop_
_entity.id
_entity.type
_entity.pdbx_description
1 polymer "PYRIDOXINE 5'-PHOSPHATE SYNTHASE"
2 non-polymer 'PHOSPHATE ION'
3 non-polymer "PYRIDOXINE-5'-PHOSPHATE"
4 water water
#
_entity_poly.entity_id   1
_entity_poly.type   'polypeptide(L)'
_entity_poly.pdbx_seq_one_letter_code
;AELLLGVNIDHIATLRNARGTAYPDPVQAAFIAEQAGADGITVHLREDRRHITDRDVRILRQTLDTRMNLEMAVTEEMLA
IAVETKPHFCCLVPEKRQEVTTEGGLDVAGQRDKMRDACKRLADAGIQVSLFIDADEEQIKAAAEVGAPFIEIHTGCYAD
AKTDAEQAQELARIAKAATFAASLGLKVNAGHGLTYHNVKAIAAIPEMHELNIGHAIIGRAVMTGLKDAVAEMKRLMLEA
RG
;
_entity_poly.pdbx_strand_id   A,B,C,D
#
# COMPACT_ATOMS: atom_id res chain seq x y z
N ALA A 1 2.32 -31.20 8.13
CA ALA A 1 0.87 -30.82 8.20
C ALA A 1 0.67 -29.48 8.94
N GLU A 2 0.53 -28.43 8.16
CA GLU A 2 0.33 -27.08 8.68
C GLU A 2 -1.00 -26.86 9.43
N LEU A 3 -0.94 -26.09 10.50
CA LEU A 3 -2.11 -25.72 11.28
C LEU A 3 -3.01 -24.98 10.27
N LEU A 4 -4.29 -25.33 10.20
CA LEU A 4 -5.18 -24.66 9.24
C LEU A 4 -6.04 -23.62 9.94
N LEU A 5 -6.58 -22.68 9.17
CA LEU A 5 -7.47 -21.64 9.71
C LEU A 5 -8.81 -21.76 9.01
N GLY A 6 -9.88 -21.81 9.81
CA GLY A 6 -11.21 -21.84 9.23
C GLY A 6 -11.84 -20.49 9.58
N VAL A 7 -12.17 -19.67 8.58
CA VAL A 7 -12.77 -18.36 8.88
C VAL A 7 -14.30 -18.40 8.88
N ASN A 8 -14.89 -18.07 10.03
CA ASN A 8 -16.34 -18.07 10.18
C ASN A 8 -16.82 -16.69 9.78
N ILE A 9 -17.60 -16.61 8.70
CA ILE A 9 -18.08 -15.33 8.22
C ILE A 9 -19.49 -14.95 8.65
N ASP A 10 -20.00 -15.63 9.67
CA ASP A 10 -21.32 -15.36 10.21
C ASP A 10 -21.53 -13.85 10.44
N HIS A 11 -20.54 -13.20 11.05
CA HIS A 11 -20.72 -11.80 11.38
C HIS A 11 -20.71 -10.78 10.27
N ILE A 12 -20.45 -11.26 9.04
CA ILE A 12 -20.53 -10.39 7.86
C ILE A 12 -22.05 -10.24 7.68
N ALA A 13 -22.76 -11.36 7.86
CA ALA A 13 -24.22 -11.38 7.73
C ALA A 13 -24.90 -10.66 8.89
N THR A 14 -24.28 -10.73 10.06
CA THR A 14 -24.82 -10.03 11.21
C THR A 14 -24.94 -8.55 10.85
N LEU A 15 -23.94 -8.03 10.15
CA LEU A 15 -23.93 -6.65 9.74
C LEU A 15 -24.92 -6.42 8.59
N ARG A 16 -25.04 -7.39 7.69
CA ARG A 16 -25.96 -7.24 6.58
C ARG A 16 -27.40 -7.26 7.05
N ASN A 17 -27.70 -8.20 7.95
CA ASN A 17 -29.07 -8.36 8.44
C ASN A 17 -29.61 -7.25 9.34
N ALA A 18 -28.78 -6.29 9.74
CA ALA A 18 -29.27 -5.21 10.58
C ALA A 18 -30.16 -4.27 9.73
N ARG A 19 -30.12 -4.43 8.42
CA ARG A 19 -30.94 -3.62 7.51
C ARG A 19 -31.60 -4.56 6.48
N GLY A 20 -32.41 -4.00 5.59
CA GLY A 20 -33.03 -4.84 4.57
C GLY A 20 -32.14 -5.02 3.34
N THR A 21 -31.04 -4.27 3.29
CA THR A 21 -30.09 -4.29 2.18
C THR A 21 -29.31 -5.61 2.03
N ALA A 22 -28.59 -5.79 0.94
CA ALA A 22 -27.88 -7.04 0.70
C ALA A 22 -26.37 -7.04 0.93
N TYR A 23 -25.81 -5.94 1.40
CA TYR A 23 -24.37 -5.85 1.64
C TYR A 23 -24.12 -5.62 3.12
N PRO A 24 -22.94 -5.99 3.63
CA PRO A 24 -21.84 -6.65 2.92
C PRO A 24 -22.31 -8.07 2.62
N ASP A 25 -21.86 -8.63 1.50
CA ASP A 25 -22.28 -9.98 1.08
C ASP A 25 -21.32 -11.06 1.54
N PRO A 26 -21.81 -12.06 2.29
CA PRO A 26 -20.96 -13.15 2.77
C PRO A 26 -20.15 -13.79 1.62
N VAL A 27 -20.74 -13.80 0.42
CA VAL A 27 -20.08 -14.41 -0.73
C VAL A 27 -18.78 -13.71 -1.08
N GLN A 28 -18.76 -12.39 -0.95
CA GLN A 28 -17.53 -11.66 -1.25
C GLN A 28 -16.49 -11.96 -0.16
N ALA A 29 -16.90 -11.82 1.09
CA ALA A 29 -16.02 -12.09 2.23
C ALA A 29 -15.33 -13.43 2.07
N ALA A 30 -16.08 -14.46 1.67
CA ALA A 30 -15.49 -15.79 1.49
C ALA A 30 -14.31 -15.79 0.51
N PHE A 31 -14.47 -15.15 -0.66
CA PHE A 31 -13.38 -15.10 -1.65
C PHE A 31 -12.14 -14.41 -1.03
N ILE A 32 -12.36 -13.28 -0.37
CA ILE A 32 -11.27 -12.53 0.25
C ILE A 32 -10.53 -13.40 1.26
N ALA A 33 -11.27 -13.98 2.20
CA ALA A 33 -10.72 -14.84 3.24
C ALA A 33 -9.98 -16.04 2.67
N GLU A 34 -10.58 -16.74 1.70
CA GLU A 34 -9.92 -17.90 1.11
C GLU A 34 -8.62 -17.51 0.42
N GLN A 35 -8.50 -16.24 0.02
CA GLN A 35 -7.27 -15.81 -0.64
C GLN A 35 -6.31 -15.08 0.29
N ALA A 36 -6.65 -14.99 1.57
CA ALA A 36 -5.78 -14.27 2.52
C ALA A 36 -5.25 -15.15 3.66
N GLY A 37 -5.39 -16.46 3.51
CA GLY A 37 -4.92 -17.37 4.56
C GLY A 37 -5.97 -18.35 5.11
N ALA A 38 -7.24 -18.19 4.73
CA ALA A 38 -8.28 -19.09 5.20
C ALA A 38 -8.19 -20.39 4.41
N ASP A 39 -8.29 -21.52 5.11
CA ASP A 39 -8.18 -22.84 4.49
C ASP A 39 -9.55 -23.44 4.31
N GLY A 40 -10.52 -22.80 4.94
CA GLY A 40 -11.89 -23.26 4.83
C GLY A 40 -12.75 -22.14 5.33
N ILE A 41 -14.01 -22.12 4.88
CA ILE A 41 -14.95 -21.09 5.30
C ILE A 41 -16.00 -21.75 6.13
N THR A 42 -16.35 -21.10 7.22
CA THR A 42 -17.33 -21.63 8.13
C THR A 42 -18.54 -20.71 8.27
N VAL A 43 -19.72 -21.33 8.25
CA VAL A 43 -20.98 -20.62 8.41
C VAL A 43 -21.87 -21.40 9.40
N HIS A 44 -22.54 -20.65 10.27
CA HIS A 44 -23.44 -21.25 11.23
C HIS A 44 -24.84 -20.91 10.77
N LEU A 45 -25.53 -21.92 10.25
CA LEU A 45 -26.91 -21.77 9.79
C LEU A 45 -27.76 -21.89 11.05
N ARG A 46 -28.18 -20.76 11.60
CA ARG A 46 -28.98 -20.82 12.82
C ARG A 46 -30.44 -21.14 12.54
N GLU A 47 -31.09 -21.67 13.56
CA GLU A 47 -32.49 -22.07 13.50
C GLU A 47 -33.30 -20.83 13.12
N ASP A 48 -32.87 -19.68 13.65
CA ASP A 48 -33.53 -18.41 13.39
C ASP A 48 -32.95 -17.58 12.25
N ARG A 49 -32.05 -18.14 11.44
CA ARG A 49 -31.45 -17.40 10.34
C ARG A 49 -31.14 -15.93 10.67
N ARG A 50 -30.63 -15.67 11.87
CA ARG A 50 -30.30 -14.30 12.25
C ARG A 50 -29.22 -13.66 11.36
N HIS A 51 -28.37 -14.49 10.75
CA HIS A 51 -27.34 -13.95 9.86
C HIS A 51 -27.19 -14.77 8.58
N ILE A 52 -26.47 -15.89 8.60
CA ILE A 52 -26.33 -16.68 7.38
C ILE A 52 -27.72 -17.24 6.98
N THR A 53 -28.06 -17.13 5.70
CA THR A 53 -29.37 -17.59 5.22
C THR A 53 -29.23 -18.78 4.29
N ASP A 54 -30.37 -19.36 3.88
CA ASP A 54 -30.34 -20.51 2.99
C ASP A 54 -29.70 -20.07 1.67
N ARG A 55 -29.95 -18.82 1.29
CA ARG A 55 -29.36 -18.25 0.07
C ARG A 55 -27.84 -18.31 0.18
N ASP A 56 -27.29 -17.75 1.25
CA ASP A 56 -25.84 -17.72 1.47
C ASP A 56 -25.25 -19.11 1.34
N VAL A 57 -25.83 -20.06 2.07
CA VAL A 57 -25.35 -21.43 2.00
C VAL A 57 -25.46 -21.98 0.59
N ARG A 58 -26.57 -21.76 -0.09
CA ARG A 58 -26.72 -22.27 -1.45
C ARG A 58 -25.70 -21.66 -2.42
N ILE A 59 -25.46 -20.36 -2.31
CA ILE A 59 -24.49 -19.74 -3.23
C ILE A 59 -23.05 -20.05 -2.84
N LEU A 60 -22.75 -19.98 -1.55
CA LEU A 60 -21.41 -20.27 -1.01
C LEU A 60 -20.97 -21.66 -1.46
N ARG A 61 -21.90 -22.60 -1.40
CA ARG A 61 -21.56 -23.96 -1.79
C ARG A 61 -21.10 -24.04 -3.23
N GLN A 62 -21.46 -23.04 -4.02
CA GLN A 62 -21.10 -22.97 -5.44
C GLN A 62 -19.89 -22.10 -5.73
N THR A 63 -19.65 -21.12 -4.86
CA THR A 63 -18.55 -20.19 -5.08
C THR A 63 -17.28 -20.48 -4.27
N LEU A 64 -17.39 -21.21 -3.18
CA LEU A 64 -16.21 -21.52 -2.39
C LEU A 64 -15.17 -22.28 -3.21
N ASP A 65 -13.93 -21.84 -3.10
CA ASP A 65 -12.83 -22.49 -3.80
C ASP A 65 -12.21 -23.54 -2.87
N THR A 66 -12.47 -23.41 -1.57
CA THR A 66 -11.91 -24.35 -0.63
C THR A 66 -12.92 -25.38 -0.17
N ARG A 67 -13.54 -25.16 0.99
CA ARG A 67 -14.50 -26.13 1.51
C ARG A 67 -15.32 -25.48 2.61
N MET A 68 -16.57 -25.93 2.71
CA MET A 68 -17.49 -25.41 3.70
C MET A 68 -17.55 -26.27 4.98
N ASN A 69 -17.62 -25.56 6.11
CA ASN A 69 -17.77 -26.19 7.39
C ASN A 69 -19.10 -25.63 7.86
N LEU A 70 -20.13 -26.46 7.83
CA LEU A 70 -21.47 -26.05 8.23
C LEU A 70 -21.69 -26.26 9.72
N GLU A 71 -21.81 -25.18 10.47
CA GLU A 71 -22.08 -25.30 11.88
C GLU A 71 -23.59 -25.30 11.97
N MET A 72 -24.11 -26.26 12.73
CA MET A 72 -25.55 -26.40 12.87
C MET A 72 -25.91 -27.18 14.14
N ALA A 73 -27.14 -27.06 14.58
CA ALA A 73 -27.62 -27.77 15.76
C ALA A 73 -28.05 -29.13 15.26
N VAL A 74 -28.20 -30.08 16.17
CA VAL A 74 -28.64 -31.41 15.74
C VAL A 74 -30.18 -31.43 15.72
N THR A 75 -30.76 -31.14 14.56
CA THR A 75 -32.21 -31.17 14.42
C THR A 75 -32.51 -31.81 13.08
N GLU A 76 -33.72 -32.31 12.95
CA GLU A 76 -34.14 -32.96 11.71
C GLU A 76 -33.99 -32.00 10.55
N GLU A 77 -34.33 -30.73 10.80
CA GLU A 77 -34.24 -29.70 9.77
C GLU A 77 -32.80 -29.59 9.27
N MET A 78 -31.90 -29.23 10.19
CA MET A 78 -30.50 -29.08 9.86
C MET A 78 -29.88 -30.30 9.19
N LEU A 79 -30.06 -31.48 9.78
CA LEU A 79 -29.52 -32.71 9.21
C LEU A 79 -30.02 -32.92 7.78
N ALA A 80 -31.24 -32.49 7.48
CA ALA A 80 -31.76 -32.65 6.15
C ALA A 80 -31.05 -31.69 5.20
N ILE A 81 -30.89 -30.45 5.66
CA ILE A 81 -30.21 -29.41 4.89
C ILE A 81 -28.77 -29.85 4.61
N ALA A 82 -28.08 -30.33 5.65
CA ALA A 82 -26.70 -30.78 5.50
C ALA A 82 -26.55 -31.94 4.52
N VAL A 83 -27.43 -32.94 4.64
CA VAL A 83 -27.39 -34.08 3.73
C VAL A 83 -27.53 -33.65 2.27
N GLU A 84 -28.36 -32.64 2.04
CA GLU A 84 -28.60 -32.09 0.70
C GLU A 84 -27.48 -31.14 0.22
N THR A 85 -26.94 -30.33 1.12
CA THR A 85 -25.88 -29.40 0.77
C THR A 85 -24.55 -30.15 0.57
N LYS A 86 -24.33 -31.15 1.42
CA LYS A 86 -23.11 -31.95 1.36
C LYS A 86 -21.86 -31.14 1.53
N PRO A 87 -21.74 -30.42 2.67
CA PRO A 87 -20.59 -29.58 3.00
C PRO A 87 -19.42 -30.54 3.15
N HIS A 88 -18.20 -30.03 3.05
CA HIS A 88 -17.06 -30.93 3.23
C HIS A 88 -17.06 -31.34 4.70
N PHE A 89 -17.24 -30.34 5.56
CA PHE A 89 -17.26 -30.56 7.01
C PHE A 89 -18.58 -30.08 7.59
N CYS A 90 -18.95 -30.65 8.73
CA CYS A 90 -20.16 -30.29 9.43
C CYS A 90 -19.78 -30.26 10.90
N CYS A 91 -20.10 -29.17 11.59
CA CYS A 91 -19.79 -29.06 13.00
C CYS A 91 -21.09 -28.95 13.80
N LEU A 92 -21.39 -29.99 14.59
CA LEU A 92 -22.61 -30.02 15.38
C LEU A 92 -22.38 -29.29 16.72
N VAL A 93 -23.31 -28.43 17.08
CA VAL A 93 -23.22 -27.62 18.29
C VAL A 93 -24.54 -27.53 19.05
N PRO A 94 -24.51 -27.06 20.31
CA PRO A 94 -25.76 -26.94 21.04
C PRO A 94 -26.36 -25.61 20.60
N GLU A 95 -27.67 -25.58 20.39
CA GLU A 95 -28.31 -24.33 20.01
C GLU A 95 -29.55 -24.02 20.82
N LYS A 96 -29.61 -22.80 21.33
CA LYS A 96 -30.74 -22.32 22.09
C LYS A 96 -31.16 -21.12 21.24
N ARG A 97 -32.35 -21.19 20.66
CA ARG A 97 -32.88 -20.15 19.77
C ARG A 97 -32.51 -18.69 20.03
N GLN A 98 -32.54 -18.27 21.29
CA GLN A 98 -32.27 -16.88 21.65
C GLN A 98 -30.88 -16.54 22.21
N GLU A 99 -29.96 -17.49 22.16
CA GLU A 99 -28.61 -17.29 22.71
C GLU A 99 -27.83 -16.19 22.02
N VAL A 100 -26.86 -15.64 22.74
CA VAL A 100 -25.99 -14.61 22.21
C VAL A 100 -25.07 -15.25 21.15
N THR A 101 -24.64 -16.48 21.44
CA THR A 101 -23.78 -17.24 20.56
C THR A 101 -23.71 -18.68 21.07
N THR A 102 -22.96 -19.54 20.39
CA THR A 102 -22.85 -20.93 20.85
C THR A 102 -22.27 -20.89 22.27
N GLU A 103 -23.10 -21.27 23.25
CA GLU A 103 -22.73 -21.25 24.67
C GLU A 103 -21.59 -22.20 24.96
N GLY A 104 -21.56 -23.32 24.25
CA GLY A 104 -20.49 -24.27 24.45
C GLY A 104 -20.79 -25.74 24.72
N GLY A 105 -20.12 -26.58 23.94
CA GLY A 105 -20.19 -28.01 24.07
C GLY A 105 -21.47 -28.83 24.03
N LEU A 106 -21.50 -29.77 23.11
CA LEU A 106 -22.60 -30.70 22.97
C LEU A 106 -22.51 -31.68 24.13
N ASP A 107 -23.66 -32.15 24.58
CA ASP A 107 -23.66 -33.16 25.61
C ASP A 107 -23.72 -34.43 24.79
N VAL A 108 -22.56 -34.98 24.49
CA VAL A 108 -22.51 -36.18 23.70
C VAL A 108 -22.68 -37.38 24.63
N ALA A 109 -21.93 -37.40 25.72
CA ALA A 109 -21.98 -38.51 26.69
C ALA A 109 -23.37 -38.81 27.22
N GLY A 110 -24.31 -37.89 27.04
CA GLY A 110 -25.65 -38.11 27.53
C GLY A 110 -26.68 -38.23 26.43
N GLN A 111 -26.22 -38.33 25.18
CA GLN A 111 -27.12 -38.45 24.03
C GLN A 111 -26.38 -39.28 22.99
N ARG A 112 -25.76 -40.36 23.45
CA ARG A 112 -24.99 -41.19 22.55
C ARG A 112 -25.79 -41.74 21.38
N ASP A 113 -27.04 -42.12 21.60
CA ASP A 113 -27.88 -42.67 20.51
C ASP A 113 -28.11 -41.59 19.45
N LYS A 114 -28.56 -40.42 19.90
CA LYS A 114 -28.83 -39.28 19.03
C LYS A 114 -27.61 -38.86 18.18
N MET A 115 -26.48 -38.68 18.85
CA MET A 115 -25.26 -38.28 18.20
C MET A 115 -24.74 -39.39 17.30
N ARG A 116 -24.92 -40.63 17.75
CA ARG A 116 -24.47 -41.78 16.98
C ARG A 116 -25.16 -41.82 15.62
N ASP A 117 -26.46 -41.54 15.64
CA ASP A 117 -27.28 -41.57 14.44
C ASP A 117 -26.96 -40.38 13.55
N ALA A 118 -26.78 -39.22 14.17
CA ALA A 118 -26.44 -38.02 13.41
C ALA A 118 -25.13 -38.30 12.66
N CYS A 119 -24.10 -38.69 13.41
CA CYS A 119 -22.82 -38.96 12.80
C CYS A 119 -22.89 -39.91 11.63
N LYS A 120 -23.62 -41.02 11.79
CA LYS A 120 -23.73 -42.00 10.71
C LYS A 120 -24.41 -41.39 9.50
N ARG A 121 -25.55 -40.75 9.74
CA ARG A 121 -26.33 -40.12 8.70
C ARG A 121 -25.48 -39.18 7.85
N LEU A 122 -24.78 -38.26 8.50
CA LEU A 122 -23.93 -37.30 7.80
C LEU A 122 -22.78 -38.00 7.09
N ALA A 123 -22.21 -39.00 7.73
CA ALA A 123 -21.11 -39.72 7.14
C ALA A 123 -21.58 -40.44 5.87
N ASP A 124 -22.83 -40.89 5.88
CA ASP A 124 -23.41 -41.58 4.72
C ASP A 124 -23.49 -40.65 3.51
N ALA A 125 -23.67 -39.36 3.76
CA ALA A 125 -23.74 -38.38 2.68
C ALA A 125 -22.35 -37.89 2.30
N GLY A 126 -21.33 -38.46 2.95
CA GLY A 126 -19.95 -38.09 2.67
C GLY A 126 -19.41 -36.89 3.42
N ILE A 127 -20.10 -36.47 4.48
CA ILE A 127 -19.69 -35.33 5.27
C ILE A 127 -18.79 -35.74 6.46
N GLN A 128 -17.65 -35.09 6.63
CA GLN A 128 -16.78 -35.37 7.76
C GLN A 128 -17.37 -34.59 8.93
N VAL A 129 -17.79 -35.31 9.96
CA VAL A 129 -18.43 -34.72 11.14
C VAL A 129 -17.51 -34.26 12.27
N SER A 130 -17.84 -33.10 12.83
CA SER A 130 -17.07 -32.57 13.94
C SER A 130 -18.02 -32.26 15.08
N LEU A 131 -17.74 -32.85 16.24
CA LEU A 131 -18.57 -32.63 17.43
C LEU A 131 -17.94 -31.54 18.28
N PHE A 132 -18.62 -30.41 18.40
CA PHE A 132 -18.14 -29.31 19.21
C PHE A 132 -18.32 -29.69 20.69
N ILE A 133 -17.22 -29.87 21.42
CA ILE A 133 -17.31 -30.26 22.82
C ILE A 133 -16.39 -29.48 23.74
N ASP A 134 -16.65 -29.58 25.06
CA ASP A 134 -15.83 -28.93 26.08
C ASP A 134 -14.56 -29.76 26.25
N ALA A 135 -13.52 -29.16 26.82
CA ALA A 135 -12.26 -29.87 27.07
C ALA A 135 -12.56 -30.80 28.26
N ASP A 136 -13.30 -31.88 27.97
CA ASP A 136 -13.76 -32.84 28.98
C ASP A 136 -13.53 -34.27 28.48
N GLU A 137 -12.64 -35.01 29.13
CA GLU A 137 -12.37 -36.35 28.64
C GLU A 137 -13.55 -37.30 28.57
N GLU A 138 -14.58 -37.09 29.39
CA GLU A 138 -15.76 -37.96 29.29
C GLU A 138 -16.47 -37.70 27.97
N GLN A 139 -16.61 -36.40 27.65
CA GLN A 139 -17.27 -35.98 26.42
C GLN A 139 -16.46 -36.41 25.21
N ILE A 140 -15.15 -36.30 25.34
CA ILE A 140 -14.26 -36.66 24.25
C ILE A 140 -14.30 -38.17 23.96
N LYS A 141 -14.24 -38.97 25.02
CA LYS A 141 -14.29 -40.43 24.86
C LYS A 141 -15.56 -40.80 24.11
N ALA A 142 -16.65 -40.13 24.49
CA ALA A 142 -17.96 -40.35 23.90
C ALA A 142 -17.99 -40.01 22.41
N ALA A 143 -17.39 -38.87 22.07
CA ALA A 143 -17.37 -38.43 20.69
C ALA A 143 -16.69 -39.49 19.86
N ALA A 144 -15.60 -40.03 20.39
CA ALA A 144 -14.88 -41.06 19.68
C ALA A 144 -15.78 -42.29 19.59
N GLU A 145 -16.37 -42.68 20.70
CA GLU A 145 -17.23 -43.86 20.71
C GLU A 145 -18.43 -43.77 19.77
N VAL A 146 -18.96 -42.57 19.56
CA VAL A 146 -20.10 -42.42 18.69
C VAL A 146 -19.73 -42.40 17.19
N GLY A 147 -18.44 -42.42 16.90
CA GLY A 147 -18.00 -42.46 15.52
C GLY A 147 -17.61 -41.17 14.77
N ALA A 148 -17.58 -40.05 15.46
CA ALA A 148 -17.22 -38.81 14.81
C ALA A 148 -15.71 -38.80 14.59
N PRO A 149 -15.27 -38.46 13.36
CA PRO A 149 -13.84 -38.43 13.07
C PRO A 149 -13.14 -37.17 13.63
N PHE A 150 -13.95 -36.18 13.98
CA PHE A 150 -13.44 -34.91 14.50
C PHE A 150 -14.19 -34.43 15.71
N ILE A 151 -13.49 -33.62 16.51
CA ILE A 151 -14.08 -32.93 17.66
C ILE A 151 -13.43 -31.55 17.57
N GLU A 152 -14.12 -30.54 18.10
CA GLU A 152 -13.58 -29.19 18.14
C GLU A 152 -13.74 -28.77 19.61
N ILE A 153 -12.62 -28.54 20.28
CA ILE A 153 -12.66 -28.13 21.67
C ILE A 153 -13.06 -26.66 21.84
N HIS A 154 -14.06 -26.44 22.69
CA HIS A 154 -14.58 -25.11 22.96
C HIS A 154 -13.52 -24.30 23.74
N THR A 155 -13.02 -23.24 23.13
CA THR A 155 -11.98 -22.43 23.76
C THR A 155 -12.55 -21.23 24.51
N GLY A 156 -13.88 -21.20 24.62
CA GLY A 156 -14.53 -20.10 25.30
C GLY A 156 -14.13 -19.86 26.75
N CYS A 157 -14.04 -20.91 27.56
CA CYS A 157 -13.69 -20.69 28.96
C CYS A 157 -12.29 -20.10 29.02
N TYR A 158 -11.43 -20.56 28.11
CA TYR A 158 -10.08 -20.07 28.07
C TYR A 158 -10.07 -18.60 27.67
N ALA A 159 -10.91 -18.24 26.70
CA ALA A 159 -10.99 -16.86 26.21
C ALA A 159 -11.52 -15.89 27.26
N ASP A 160 -12.50 -16.34 28.04
CA ASP A 160 -13.09 -15.46 29.04
C ASP A 160 -12.41 -15.51 30.39
N ALA A 161 -11.27 -16.17 30.47
CA ALA A 161 -10.55 -16.27 31.75
C ALA A 161 -10.36 -14.88 32.37
N LYS A 162 -10.74 -14.73 33.65
CA LYS A 162 -10.64 -13.46 34.34
C LYS A 162 -9.27 -13.14 34.92
N THR A 163 -8.44 -14.16 35.13
CA THR A 163 -7.08 -13.96 35.68
C THR A 163 -6.08 -14.76 34.87
N ASP A 164 -4.83 -14.33 34.88
CA ASP A 164 -3.81 -15.03 34.15
C ASP A 164 -3.73 -16.50 34.60
N ALA A 165 -3.99 -16.74 35.89
CA ALA A 165 -3.94 -18.10 36.45
C ALA A 165 -5.11 -18.96 35.98
N GLU A 166 -6.28 -18.36 35.85
CA GLU A 166 -7.45 -19.08 35.37
C GLU A 166 -7.16 -19.46 33.92
N GLN A 167 -6.63 -18.49 33.17
CA GLN A 167 -6.31 -18.70 31.77
C GLN A 167 -5.31 -19.84 31.61
N ALA A 168 -4.24 -19.77 32.40
CA ALA A 168 -3.21 -20.79 32.33
C ALA A 168 -3.81 -22.16 32.57
N GLN A 169 -4.76 -22.23 33.50
CA GLN A 169 -5.40 -23.48 33.82
C GLN A 169 -6.26 -24.02 32.68
N GLU A 170 -7.01 -23.14 32.00
CA GLU A 170 -7.87 -23.58 30.89
C GLU A 170 -7.02 -24.00 29.69
N LEU A 171 -5.83 -23.41 29.57
CA LEU A 171 -4.90 -23.74 28.49
C LEU A 171 -4.43 -25.18 28.70
N ALA A 172 -3.93 -25.45 29.91
CA ALA A 172 -3.43 -26.78 30.26
C ALA A 172 -4.51 -27.80 30.04
N ARG A 173 -5.73 -27.44 30.45
CA ARG A 173 -6.89 -28.31 30.31
C ARG A 173 -7.20 -28.58 28.83
N ILE A 174 -7.16 -27.55 27.99
CA ILE A 174 -7.44 -27.72 26.57
C ILE A 174 -6.36 -28.62 25.99
N ALA A 175 -5.11 -28.34 26.37
CA ALA A 175 -3.96 -29.10 25.91
C ALA A 175 -4.02 -30.60 26.28
N LYS A 176 -4.29 -30.92 27.54
CA LYS A 176 -4.38 -32.32 27.94
C LYS A 176 -5.55 -33.00 27.26
N ALA A 177 -6.64 -32.27 27.13
CA ALA A 177 -7.82 -32.81 26.47
C ALA A 177 -7.52 -33.17 25.02
N ALA A 178 -6.80 -32.29 24.32
CA ALA A 178 -6.45 -32.53 22.91
C ALA A 178 -5.56 -33.75 22.72
N THR A 179 -4.59 -33.92 23.62
CA THR A 179 -3.69 -35.05 23.56
C THR A 179 -4.49 -36.34 23.80
N PHE A 180 -5.45 -36.28 24.71
CA PHE A 180 -6.27 -37.45 24.97
C PHE A 180 -7.08 -37.74 23.71
N ALA A 181 -7.69 -36.69 23.14
CA ALA A 181 -8.50 -36.82 21.92
C ALA A 181 -7.74 -37.57 20.82
N ALA A 182 -6.51 -37.12 20.56
CA ALA A 182 -5.69 -37.72 19.53
C ALA A 182 -5.38 -39.18 19.82
N SER A 183 -5.12 -39.51 21.07
CA SER A 183 -4.81 -40.90 21.38
C SER A 183 -6.00 -41.80 21.05
N LEU A 184 -7.18 -41.21 20.89
CA LEU A 184 -8.39 -41.99 20.55
C LEU A 184 -8.61 -42.06 19.03
N GLY A 185 -7.70 -41.46 18.27
CA GLY A 185 -7.84 -41.46 16.82
C GLY A 185 -8.60 -40.24 16.32
N LEU A 186 -9.03 -39.35 17.20
CA LEU A 186 -9.77 -38.17 16.79
C LEU A 186 -8.89 -37.05 16.21
N LYS A 187 -9.45 -36.30 15.27
CA LYS A 187 -8.71 -35.16 14.75
C LYS A 187 -9.30 -34.03 15.58
N VAL A 188 -8.47 -33.11 16.03
CA VAL A 188 -9.00 -32.06 16.90
C VAL A 188 -8.86 -30.61 16.46
N ASN A 189 -10.00 -29.94 16.38
CA ASN A 189 -10.04 -28.54 16.02
C ASN A 189 -10.35 -27.79 17.32
N ALA A 190 -10.43 -26.46 17.26
CA ALA A 190 -10.73 -25.69 18.45
C ALA A 190 -11.30 -24.39 17.99
N GLY A 191 -12.18 -23.81 18.80
CA GLY A 191 -12.75 -22.55 18.37
C GLY A 191 -13.59 -21.90 19.43
N HIS A 192 -13.96 -20.66 19.12
CA HIS A 192 -14.77 -19.78 19.93
C HIS A 192 -13.98 -18.92 20.86
N GLY A 193 -14.09 -17.62 20.62
CA GLY A 193 -13.43 -16.63 21.44
C GLY A 193 -11.97 -16.39 21.17
N LEU A 194 -11.40 -17.04 20.15
CA LEU A 194 -9.97 -16.84 19.88
C LEU A 194 -9.71 -15.42 19.34
N THR A 195 -8.64 -14.79 19.80
CA THR A 195 -8.32 -13.43 19.37
C THR A 195 -6.87 -13.26 18.91
N TYR A 196 -6.54 -12.09 18.37
CA TYR A 196 -5.17 -11.84 17.95
C TYR A 196 -4.20 -11.93 19.12
N HIS A 197 -4.67 -11.69 20.35
CA HIS A 197 -3.78 -11.79 21.51
C HIS A 197 -3.82 -13.11 22.27
N ASN A 198 -4.85 -13.91 22.08
CA ASN A 198 -4.85 -15.18 22.81
C ASN A 198 -4.71 -16.40 21.88
N VAL A 199 -4.53 -16.19 20.58
CA VAL A 199 -4.48 -17.34 19.67
C VAL A 199 -3.20 -18.21 19.68
N LYS A 200 -2.05 -17.59 19.89
CA LYS A 200 -0.79 -18.35 19.87
C LYS A 200 -0.70 -19.54 20.83
N ALA A 201 -1.12 -19.37 22.09
CA ALA A 201 -1.06 -20.47 23.05
C ALA A 201 -1.88 -21.66 22.56
N ILE A 202 -3.02 -21.39 21.90
CA ILE A 202 -3.86 -22.48 21.36
C ILE A 202 -3.22 -23.08 20.09
N ALA A 203 -2.68 -22.23 19.23
CA ALA A 203 -2.06 -22.71 18.00
C ALA A 203 -0.82 -23.56 18.29
N ALA A 204 -0.14 -23.26 19.40
CA ALA A 204 1.04 -24.02 19.78
C ALA A 204 0.75 -25.48 20.15
N ILE A 205 -0.46 -25.76 20.61
CA ILE A 205 -0.85 -27.11 20.97
C ILE A 205 -0.70 -27.94 19.67
N PRO A 206 0.26 -28.88 19.68
CA PRO A 206 0.55 -29.74 18.51
C PRO A 206 -0.56 -30.56 17.88
N GLU A 207 -1.50 -31.04 18.67
CA GLU A 207 -2.59 -31.86 18.16
C GLU A 207 -3.62 -31.10 17.32
N MET A 208 -3.67 -29.78 17.48
CA MET A 208 -4.63 -28.96 16.77
C MET A 208 -4.46 -29.06 15.25
N HIS A 209 -5.58 -29.26 14.56
CA HIS A 209 -5.63 -29.42 13.13
C HIS A 209 -6.09 -28.11 12.48
N GLU A 210 -7.22 -27.57 12.93
CA GLU A 210 -7.76 -26.34 12.38
C GLU A 210 -8.41 -25.47 13.43
N LEU A 211 -8.15 -24.17 13.40
CA LEU A 211 -8.78 -23.26 14.37
C LEU A 211 -9.89 -22.54 13.59
N ASN A 212 -11.05 -22.42 14.22
CA ASN A 212 -12.20 -21.78 13.62
C ASN A 212 -12.42 -20.50 14.35
N ILE A 213 -12.13 -19.42 13.63
CA ILE A 213 -12.20 -18.09 14.19
C ILE A 213 -13.10 -17.22 13.36
N GLY A 214 -13.95 -16.46 14.06
CA GLY A 214 -14.87 -15.57 13.38
C GLY A 214 -14.91 -14.15 13.87
N HIS A 215 -15.60 -13.93 14.97
CA HIS A 215 -15.76 -12.57 15.50
C HIS A 215 -14.54 -11.66 15.61
N ALA A 216 -13.42 -12.13 16.17
CA ALA A 216 -12.24 -11.25 16.28
C ALA A 216 -11.79 -10.76 14.89
N ILE A 217 -11.78 -11.68 13.93
CA ILE A 217 -11.39 -11.32 12.59
C ILE A 217 -12.32 -10.24 12.00
N ILE A 218 -13.64 -10.42 12.11
CA ILE A 218 -14.56 -9.42 11.57
C ILE A 218 -14.39 -8.08 12.31
N GLY A 219 -14.16 -8.17 13.62
CA GLY A 219 -13.96 -6.98 14.42
C GLY A 219 -12.72 -6.22 13.99
N ARG A 220 -11.68 -6.93 13.59
CA ARG A 220 -10.46 -6.29 13.11
C ARG A 220 -10.73 -5.77 11.69
N ALA A 221 -11.42 -6.56 10.89
CA ALA A 221 -11.76 -6.21 9.50
C ALA A 221 -12.45 -4.84 9.34
N VAL A 222 -13.46 -4.53 10.15
CA VAL A 222 -14.11 -3.24 9.94
C VAL A 222 -13.09 -2.14 10.04
N MET A 223 -12.01 -2.39 10.77
CA MET A 223 -11.00 -1.37 10.90
C MET A 223 -10.01 -1.39 9.76
N THR A 224 -9.34 -2.54 9.61
CA THR A 224 -8.29 -2.76 8.62
C THR A 224 -8.64 -3.47 7.32
N GLY A 225 -9.83 -4.03 7.18
CA GLY A 225 -10.13 -4.75 5.94
C GLY A 225 -9.94 -6.25 6.19
N LEU A 226 -10.85 -7.05 5.64
CA LEU A 226 -10.83 -8.50 5.84
C LEU A 226 -9.52 -9.16 5.47
N LYS A 227 -8.99 -8.80 4.30
CA LYS A 227 -7.75 -9.40 3.83
C LYS A 227 -6.62 -9.36 4.83
N ASP A 228 -6.33 -8.18 5.36
CA ASP A 228 -5.27 -8.08 6.35
C ASP A 228 -5.67 -8.73 7.64
N ALA A 229 -6.97 -8.74 7.96
CA ALA A 229 -7.38 -9.34 9.23
C ALA A 229 -7.14 -10.86 9.23
N VAL A 230 -7.47 -11.50 8.11
CA VAL A 230 -7.28 -12.95 7.95
C VAL A 230 -5.78 -13.27 7.93
N ALA A 231 -5.03 -12.56 7.09
CA ALA A 231 -3.60 -12.76 6.97
C ALA A 231 -2.87 -12.61 8.32
N GLU A 232 -3.20 -11.57 9.08
CA GLU A 232 -2.55 -11.40 10.37
C GLU A 232 -2.83 -12.62 11.26
N MET A 233 -4.09 -13.04 11.33
CA MET A 233 -4.44 -14.19 12.16
C MET A 233 -3.64 -15.42 11.72
N LYS A 234 -3.64 -15.72 10.42
CA LYS A 234 -2.90 -16.88 9.95
C LYS A 234 -1.39 -16.74 10.27
N ARG A 235 -0.85 -15.54 10.12
CA ARG A 235 0.57 -15.33 10.40
C ARG A 235 0.89 -15.66 11.86
N LEU A 236 0.05 -15.23 12.78
CA LEU A 236 0.33 -15.47 14.19
C LEU A 236 0.21 -16.96 14.48
N MET A 237 -0.72 -17.62 13.81
CA MET A 237 -0.92 -19.05 14.02
C MET A 237 0.30 -19.84 13.61
N LEU A 238 0.86 -19.52 12.45
CA LEU A 238 2.06 -20.23 11.99
C LEU A 238 3.27 -19.85 12.84
N GLU A 239 3.36 -18.62 13.33
CA GLU A 239 4.48 -18.28 14.22
C GLU A 239 4.45 -19.15 15.50
N ALA A 240 3.25 -19.39 16.04
CA ALA A 240 3.13 -20.19 17.25
C ALA A 240 3.68 -21.60 17.03
N ARG A 241 3.43 -22.18 15.85
CA ARG A 241 3.92 -23.52 15.54
C ARG A 241 5.41 -23.59 15.29
N GLY A 242 6.04 -22.46 14.96
CA GLY A 242 7.48 -22.46 14.72
C GLY A 242 8.36 -22.14 15.93
N ALA B 1 -1.05 30.55 -11.17
CA ALA B 1 -0.24 30.19 -9.95
C ALA B 1 -1.10 29.47 -8.89
N GLU B 2 -0.54 28.44 -8.27
CA GLU B 2 -1.29 27.69 -7.26
C GLU B 2 -0.91 28.01 -5.82
N LEU B 3 -1.86 27.78 -4.91
CA LEU B 3 -1.68 28.01 -3.47
C LEU B 3 -0.52 27.11 -3.07
N LEU B 4 0.47 27.67 -2.39
CA LEU B 4 1.63 26.88 -1.98
C LEU B 4 1.54 26.41 -0.53
N LEU B 5 2.25 25.32 -0.23
CA LEU B 5 2.29 24.76 1.14
C LEU B 5 3.73 24.84 1.68
N GLY B 6 3.86 25.40 2.88
CA GLY B 6 5.14 25.47 3.57
C GLY B 6 4.94 24.57 4.81
N VAL B 7 5.73 23.52 4.96
CA VAL B 7 5.58 22.62 6.11
C VAL B 7 6.59 23.00 7.18
N ASN B 8 6.10 23.22 8.40
CA ASN B 8 6.99 23.58 9.49
C ASN B 8 7.38 22.27 10.18
N ILE B 9 8.67 21.98 10.21
CA ILE B 9 9.09 20.75 10.83
C ILE B 9 9.62 20.88 12.25
N ASP B 10 9.47 22.05 12.86
CA ASP B 10 9.91 22.26 14.23
C ASP B 10 9.56 21.09 15.15
N HIS B 11 8.34 20.58 15.07
CA HIS B 11 7.95 19.55 16.01
C HIS B 11 8.53 18.16 15.82
N ILE B 12 9.23 17.97 14.70
CA ILE B 12 9.94 16.72 14.48
C ILE B 12 11.08 16.84 15.51
N ALA B 13 11.73 18.00 15.54
CA ALA B 13 12.82 18.29 16.50
C ALA B 13 12.31 18.24 17.94
N THR B 14 11.08 18.70 18.18
CA THR B 14 10.54 18.66 19.53
C THR B 14 10.61 17.25 20.10
N LEU B 15 10.20 16.30 19.26
CA LEU B 15 10.19 14.91 19.61
C LEU B 15 11.63 14.43 19.82
N ARG B 16 12.53 14.82 18.92
CA ARG B 16 13.92 14.40 19.06
C ARG B 16 14.57 14.94 20.35
N ASN B 17 14.33 16.22 20.64
CA ASN B 17 14.92 16.85 21.80
C ASN B 17 14.35 16.40 23.13
N ALA B 18 13.25 15.66 23.11
CA ALA B 18 12.68 15.18 24.37
C ALA B 18 13.64 14.19 25.01
N ARG B 19 14.58 13.72 24.22
CA ARG B 19 15.56 12.73 24.64
C ARG B 19 16.95 13.20 24.18
N GLY B 20 17.99 12.46 24.53
CA GLY B 20 19.31 12.87 24.11
C GLY B 20 19.78 12.32 22.78
N THR B 21 19.01 11.39 22.19
CA THR B 21 19.36 10.77 20.92
C THR B 21 19.14 11.69 19.72
N ALA B 22 19.50 11.23 18.52
CA ALA B 22 19.38 12.04 17.30
C ALA B 22 18.13 11.89 16.41
N TYR B 23 17.25 10.95 16.76
CA TYR B 23 16.05 10.69 15.95
C TYR B 23 14.80 11.13 16.68
N PRO B 24 13.75 11.55 15.96
CA PRO B 24 13.67 11.64 14.49
C PRO B 24 14.53 12.82 14.02
N ASP B 25 15.09 12.74 12.81
CA ASP B 25 15.95 13.80 12.30
C ASP B 25 15.21 14.74 11.35
N PRO B 26 15.18 16.05 11.67
CA PRO B 26 14.49 17.02 10.81
C PRO B 26 14.93 16.92 9.35
N VAL B 27 16.16 16.48 9.12
CA VAL B 27 16.68 16.39 7.76
C VAL B 27 15.93 15.35 6.95
N GLN B 28 15.49 14.27 7.60
CA GLN B 28 14.75 13.23 6.90
C GLN B 28 13.35 13.75 6.66
N ALA B 29 12.76 14.33 7.69
CA ALA B 29 11.41 14.85 7.54
C ALA B 29 11.26 15.86 6.41
N ALA B 30 12.30 16.65 6.14
CA ALA B 30 12.26 17.64 5.05
C ALA B 30 12.19 16.99 3.67
N PHE B 31 13.05 15.99 3.42
CA PHE B 31 13.04 15.29 2.14
C PHE B 31 11.64 14.72 1.88
N ILE B 32 11.10 14.03 2.88
CA ILE B 32 9.78 13.43 2.76
C ILE B 32 8.73 14.46 2.37
N ALA B 33 8.66 15.55 3.14
CA ALA B 33 7.67 16.61 2.90
C ALA B 33 7.83 17.29 1.55
N GLU B 34 9.06 17.57 1.16
CA GLU B 34 9.32 18.20 -0.13
C GLU B 34 8.84 17.33 -1.27
N GLN B 35 8.81 16.02 -1.04
CA GLN B 35 8.37 15.09 -2.07
C GLN B 35 6.92 14.66 -1.95
N ALA B 36 6.19 15.30 -1.02
CA ALA B 36 4.81 14.93 -0.81
C ALA B 36 3.82 16.11 -0.84
N GLY B 37 4.23 17.25 -1.39
CA GLY B 37 3.34 18.39 -1.45
C GLY B 37 3.87 19.69 -0.88
N ALA B 38 4.95 19.64 -0.10
CA ALA B 38 5.51 20.88 0.46
C ALA B 38 6.26 21.62 -0.64
N ASP B 39 6.08 22.95 -0.70
CA ASP B 39 6.73 23.79 -1.69
C ASP B 39 7.92 24.51 -1.06
N GLY B 40 8.00 24.41 0.26
CA GLY B 40 9.07 25.01 1.02
C GLY B 40 9.02 24.39 2.40
N ILE B 41 10.14 24.44 3.11
CA ILE B 41 10.23 23.90 4.45
C ILE B 41 10.49 25.08 5.40
N THR B 42 9.80 25.07 6.53
CA THR B 42 9.97 26.16 7.48
C THR B 42 10.59 25.62 8.76
N VAL B 43 11.49 26.39 9.34
CA VAL B 43 12.07 26.01 10.61
C VAL B 43 12.13 27.29 11.43
N HIS B 44 11.78 27.19 12.70
CA HIS B 44 11.82 28.34 13.55
C HIS B 44 12.97 28.15 14.53
N LEU B 45 14.00 28.99 14.37
CA LEU B 45 15.16 28.91 15.25
C LEU B 45 14.86 29.79 16.47
N ARG B 46 14.48 29.16 17.59
CA ARG B 46 14.17 29.92 18.81
C ARG B 46 15.46 30.27 19.54
N GLU B 47 15.44 31.35 20.31
CA GLU B 47 16.63 31.76 21.06
C GLU B 47 17.08 30.65 21.96
N ASP B 48 16.12 29.92 22.52
CA ASP B 48 16.43 28.81 23.40
C ASP B 48 16.69 27.47 22.67
N ARG B 49 16.87 27.50 21.34
CA ARG B 49 17.10 26.28 20.56
C ARG B 49 16.29 25.10 21.11
N ARG B 50 15.06 25.40 21.49
CA ARG B 50 14.10 24.43 22.03
C ARG B 50 14.03 23.17 21.16
N HIS B 51 13.76 23.34 19.86
CA HIS B 51 13.65 22.20 18.96
C HIS B 51 14.70 22.26 17.86
N ILE B 52 14.48 23.10 16.85
CA ILE B 52 15.42 23.27 15.75
C ILE B 52 16.77 23.84 16.27
N THR B 53 17.89 23.34 15.75
CA THR B 53 19.19 23.84 16.21
C THR B 53 20.03 24.38 15.07
N ASP B 54 21.16 24.99 15.39
CA ASP B 54 22.04 25.52 14.36
C ASP B 54 22.48 24.37 13.46
N ARG B 55 22.68 23.19 14.05
CA ARG B 55 23.09 22.04 13.28
C ARG B 55 22.02 21.83 12.21
N ASP B 56 20.77 21.80 12.66
CA ASP B 56 19.62 21.60 11.78
C ASP B 56 19.56 22.59 10.63
N VAL B 57 19.77 23.88 10.94
CA VAL B 57 19.72 24.92 9.92
C VAL B 57 20.88 24.80 8.95
N ARG B 58 22.04 24.46 9.47
CA ARG B 58 23.23 24.31 8.64
C ARG B 58 23.11 23.16 7.63
N ILE B 59 22.67 22.00 8.10
CA ILE B 59 22.53 20.86 7.20
C ILE B 59 21.33 21.07 6.26
N LEU B 60 20.18 21.41 6.84
CA LEU B 60 18.96 21.66 6.07
C LEU B 60 19.27 22.60 4.89
N ARG B 61 19.97 23.69 5.18
CA ARG B 61 20.31 24.65 4.15
C ARG B 61 21.02 23.98 2.97
N GLN B 62 21.77 22.90 3.24
CA GLN B 62 22.48 22.16 2.19
C GLN B 62 21.71 20.98 1.58
N THR B 63 20.68 20.50 2.27
CA THR B 63 19.89 19.37 1.79
C THR B 63 18.52 19.70 1.17
N LEU B 64 17.95 20.87 1.49
CA LEU B 64 16.65 21.21 0.93
C LEU B 64 16.71 21.27 -0.59
N ASP B 65 15.69 20.74 -1.22
CA ASP B 65 15.64 20.74 -2.67
C ASP B 65 14.78 21.93 -3.09
N THR B 66 13.91 22.40 -2.19
CA THR B 66 13.02 23.54 -2.47
C THR B 66 13.66 24.80 -1.87
N ARG B 67 13.15 25.31 -0.74
CA ARG B 67 13.76 26.47 -0.09
C ARG B 67 13.36 26.62 1.35
N MET B 68 14.23 27.30 2.09
CA MET B 68 14.01 27.51 3.50
C MET B 68 13.25 28.79 3.85
N ASN B 69 12.36 28.66 4.83
CA ASN B 69 11.64 29.79 5.35
C ASN B 69 12.08 29.82 6.83
N LEU B 70 13.02 30.71 7.15
CA LEU B 70 13.53 30.80 8.51
C LEU B 70 12.71 31.73 9.38
N GLU B 71 11.95 31.17 10.31
CA GLU B 71 11.16 31.99 11.23
C GLU B 71 12.14 32.28 12.35
N MET B 72 12.20 33.56 12.76
CA MET B 72 13.10 34.02 13.83
C MET B 72 12.59 35.31 14.46
N ALA B 73 13.14 35.66 15.60
CA ALA B 73 12.76 36.87 16.29
C ALA B 73 13.62 37.99 15.71
N VAL B 74 13.22 39.25 15.90
CA VAL B 74 13.98 40.36 15.36
C VAL B 74 15.03 40.76 16.39
N THR B 75 16.16 40.07 16.36
CA THR B 75 17.27 40.34 17.29
C THR B 75 18.56 40.30 16.47
N GLU B 76 19.64 40.84 17.03
CA GLU B 76 20.91 40.88 16.32
C GLU B 76 21.53 39.51 16.06
N GLU B 77 21.39 38.60 17.02
CA GLU B 77 21.92 37.25 16.86
C GLU B 77 21.29 36.67 15.59
N MET B 78 19.97 36.62 15.61
CA MET B 78 19.18 36.09 14.51
C MET B 78 19.41 36.79 13.17
N LEU B 79 19.41 38.12 13.16
CA LEU B 79 19.64 38.84 11.91
C LEU B 79 20.98 38.45 11.32
N ALA B 80 21.99 38.32 12.18
CA ALA B 80 23.30 37.94 11.72
C ALA B 80 23.27 36.54 11.11
N ILE B 81 22.64 35.58 11.80
CA ILE B 81 22.55 34.23 11.30
C ILE B 81 21.83 34.20 9.95
N ALA B 82 20.70 34.89 9.87
CA ALA B 82 19.91 34.97 8.65
C ALA B 82 20.73 35.49 7.46
N VAL B 83 21.43 36.62 7.68
CA VAL B 83 22.28 37.23 6.65
C VAL B 83 23.34 36.22 6.26
N GLU B 84 23.79 35.47 7.26
CA GLU B 84 24.79 34.45 7.09
C GLU B 84 24.25 33.25 6.31
N THR B 85 23.08 32.76 6.72
CA THR B 85 22.49 31.58 6.09
C THR B 85 21.89 31.80 4.70
N LYS B 86 21.38 33.01 4.44
CA LYS B 86 20.80 33.29 3.13
C LYS B 86 19.57 32.45 2.81
N PRO B 87 18.64 32.28 3.78
CA PRO B 87 17.47 31.48 3.44
C PRO B 87 16.68 32.23 2.39
N HIS B 88 15.98 31.51 1.53
CA HIS B 88 15.18 32.15 0.50
C HIS B 88 14.17 33.11 1.14
N PHE B 89 13.48 32.64 2.19
CA PHE B 89 12.50 33.45 2.89
C PHE B 89 12.86 33.55 4.37
N CYS B 90 12.43 34.65 4.98
CA CYS B 90 12.66 34.86 6.39
C CYS B 90 11.36 35.42 6.92
N CYS B 91 10.85 34.82 8.01
CA CYS B 91 9.59 35.26 8.59
C CYS B 91 9.83 35.77 10.02
N LEU B 92 9.70 37.08 10.21
CA LEU B 92 9.96 37.69 11.52
C LEU B 92 8.79 37.55 12.50
N VAL B 93 9.08 36.96 13.67
CA VAL B 93 8.04 36.76 14.67
C VAL B 93 8.41 37.22 16.07
N PRO B 94 7.40 37.46 16.90
CA PRO B 94 7.66 37.91 18.28
C PRO B 94 8.02 36.63 19.03
N GLU B 95 8.82 36.75 20.07
CA GLU B 95 9.19 35.56 20.82
C GLU B 95 9.55 35.92 22.25
N LYS B 96 9.35 34.98 23.16
CA LYS B 96 9.66 35.20 24.57
C LYS B 96 10.60 34.17 25.21
N ARG B 97 10.60 32.94 24.68
CA ARG B 97 11.44 31.83 25.15
C ARG B 97 10.67 30.74 25.89
N GLN B 98 9.92 31.14 26.91
CA GLN B 98 9.15 30.18 27.69
C GLN B 98 7.70 30.09 27.21
N GLU B 99 7.46 30.61 26.01
CA GLU B 99 6.14 30.59 25.40
C GLU B 99 5.84 29.19 24.86
N VAL B 100 4.57 28.78 24.91
CA VAL B 100 4.17 27.46 24.40
C VAL B 100 4.41 27.38 22.89
N THR B 101 4.25 28.53 22.22
CA THR B 101 4.45 28.66 20.77
C THR B 101 4.39 30.16 20.43
N THR B 102 4.36 30.50 19.14
CA THR B 102 4.28 31.90 18.76
C THR B 102 2.81 32.32 18.93
N GLU B 103 2.58 33.25 19.86
CA GLU B 103 1.24 33.75 20.20
C GLU B 103 0.55 34.55 19.10
N GLY B 104 0.72 35.89 19.15
CA GLY B 104 0.12 36.78 18.17
C GLY B 104 1.12 37.33 17.15
N GLY B 105 0.69 38.33 16.40
CA GLY B 105 1.57 38.90 15.41
C GLY B 105 2.62 39.82 15.99
N LEU B 106 3.47 40.32 15.11
CA LEU B 106 4.55 41.25 15.44
C LEU B 106 3.94 42.64 15.63
N ASP B 107 4.51 43.43 16.54
CA ASP B 107 4.02 44.79 16.71
C ASP B 107 4.87 45.58 15.74
N VAL B 108 4.40 45.73 14.51
CA VAL B 108 5.15 46.46 13.50
C VAL B 108 4.90 47.97 13.54
N ALA B 109 3.62 48.34 13.67
CA ALA B 109 3.23 49.73 13.70
C ALA B 109 3.91 50.42 14.87
N GLY B 110 4.06 49.69 15.97
CA GLY B 110 4.69 50.25 17.16
C GLY B 110 6.21 50.18 17.22
N GLN B 111 6.86 49.72 16.16
CA GLN B 111 8.33 49.63 16.14
C GLN B 111 8.81 49.84 14.71
N ARG B 112 8.17 50.75 13.99
CA ARG B 112 8.50 51.01 12.58
C ARG B 112 9.98 51.06 12.21
N ASP B 113 10.79 51.74 13.02
CA ASP B 113 12.23 51.86 12.73
C ASP B 113 12.99 50.55 12.84
N LYS B 114 12.75 49.79 13.91
CA LYS B 114 13.43 48.50 14.09
C LYS B 114 13.11 47.56 12.92
N MET B 115 11.84 47.50 12.54
CA MET B 115 11.39 46.65 11.43
C MET B 115 11.91 47.16 10.08
N ARG B 116 11.95 48.48 9.94
CA ARG B 116 12.42 49.07 8.69
C ARG B 116 13.84 48.62 8.40
N ASP B 117 14.69 48.60 9.43
CA ASP B 117 16.08 48.20 9.23
C ASP B 117 16.27 46.71 8.97
N ALA B 118 15.60 45.87 9.75
CA ALA B 118 15.70 44.43 9.58
C ALA B 118 15.30 44.12 8.15
N CYS B 119 14.16 44.64 7.71
CA CYS B 119 13.73 44.40 6.34
C CYS B 119 14.84 44.79 5.34
N LYS B 120 15.33 46.02 5.45
CA LYS B 120 16.38 46.47 4.52
C LYS B 120 17.62 45.59 4.63
N ARG B 121 18.04 45.31 5.86
CA ARG B 121 19.19 44.48 6.09
C ARG B 121 19.06 43.10 5.40
N LEU B 122 17.98 42.40 5.72
CA LEU B 122 17.74 41.08 5.15
C LEU B 122 17.63 41.11 3.64
N ALA B 123 16.90 42.09 3.10
CA ALA B 123 16.76 42.22 1.66
C ALA B 123 18.12 42.43 0.97
N ASP B 124 19.03 43.14 1.63
CA ASP B 124 20.35 43.39 1.06
C ASP B 124 21.13 42.08 0.98
N ALA B 125 20.68 41.09 1.75
CA ALA B 125 21.29 39.76 1.77
C ALA B 125 20.64 38.91 0.67
N GLY B 126 19.59 39.46 0.05
CA GLY B 126 18.89 38.74 -1.00
C GLY B 126 17.81 37.84 -0.44
N ILE B 127 17.38 38.11 0.78
CA ILE B 127 16.34 37.34 1.47
C ILE B 127 14.97 38.05 1.35
N GLN B 128 13.90 37.30 1.05
CA GLN B 128 12.55 37.87 0.97
C GLN B 128 11.91 37.82 2.35
N VAL B 129 11.51 39.00 2.84
CA VAL B 129 10.96 39.10 4.19
C VAL B 129 9.47 39.06 4.38
N SER B 130 9.07 38.27 5.37
CA SER B 130 7.68 38.14 5.73
C SER B 130 7.53 38.56 7.18
N LEU B 131 6.58 39.46 7.44
CA LEU B 131 6.31 39.91 8.78
C LEU B 131 5.09 39.18 9.29
N PHE B 132 5.26 38.36 10.34
CA PHE B 132 4.12 37.63 10.87
C PHE B 132 3.29 38.65 11.65
N ILE B 133 2.08 38.94 11.17
CA ILE B 133 1.20 39.90 11.82
C ILE B 133 -0.25 39.50 11.98
N ASP B 134 -0.96 40.24 12.83
CA ASP B 134 -2.37 40.01 13.08
C ASP B 134 -3.17 40.58 11.90
N ALA B 135 -4.37 40.04 11.71
CA ALA B 135 -5.23 40.49 10.62
C ALA B 135 -5.75 41.86 11.06
N ASP B 136 -4.83 42.82 11.14
CA ASP B 136 -5.13 44.18 11.61
C ASP B 136 -4.61 45.24 10.62
N GLU B 137 -5.52 46.03 10.07
CA GLU B 137 -5.15 47.07 9.09
C GLU B 137 -4.03 48.00 9.53
N GLU B 138 -4.00 48.35 10.80
CA GLU B 138 -2.93 49.23 11.27
C GLU B 138 -1.59 48.55 11.03
N GLN B 139 -1.50 47.29 11.43
CA GLN B 139 -0.28 46.52 11.23
C GLN B 139 0.04 46.31 9.74
N ILE B 140 -0.98 46.05 8.93
CA ILE B 140 -0.77 45.83 7.50
C ILE B 140 -0.26 47.09 6.80
N LYS B 141 -0.81 48.25 7.16
CA LYS B 141 -0.38 49.52 6.59
C LYS B 141 1.07 49.73 7.01
N ALA B 142 1.40 49.36 8.24
CA ALA B 142 2.76 49.50 8.77
C ALA B 142 3.73 48.64 7.97
N ALA B 143 3.41 47.36 7.86
CA ALA B 143 4.23 46.40 7.10
C ALA B 143 4.45 46.93 5.69
N ALA B 144 3.41 47.54 5.13
CA ALA B 144 3.50 48.08 3.77
C ALA B 144 4.51 49.23 3.72
N GLU B 145 4.28 50.23 4.58
CA GLU B 145 5.12 51.42 4.67
C GLU B 145 6.60 51.06 4.96
N VAL B 146 6.81 50.06 5.81
CA VAL B 146 8.17 49.63 6.19
C VAL B 146 8.96 48.91 5.08
N GLY B 147 8.29 48.53 3.98
CA GLY B 147 8.99 47.87 2.88
C GLY B 147 9.04 46.34 2.79
N ALA B 148 8.41 45.61 3.69
CA ALA B 148 8.43 44.14 3.60
C ALA B 148 7.69 43.59 2.38
N PRO B 149 8.29 42.65 1.64
CA PRO B 149 7.57 42.10 0.47
C PRO B 149 6.32 41.31 0.90
N PHE B 150 6.46 40.58 2.01
CA PHE B 150 5.43 39.71 2.54
C PHE B 150 4.96 39.97 3.98
N ILE B 151 3.72 39.56 4.23
CA ILE B 151 3.14 39.55 5.56
C ILE B 151 2.56 38.12 5.67
N GLU B 152 2.44 37.61 6.89
CA GLU B 152 1.84 36.30 7.08
C GLU B 152 0.77 36.55 8.15
N ILE B 153 -0.49 36.37 7.79
CA ILE B 153 -1.57 36.61 8.72
C ILE B 153 -1.68 35.49 9.73
N HIS B 154 -1.80 35.87 11.00
CA HIS B 154 -1.92 34.90 12.07
C HIS B 154 -3.32 34.26 12.13
N THR B 155 -3.40 32.96 11.86
CA THR B 155 -4.69 32.29 11.86
C THR B 155 -5.06 31.66 13.24
N GLY B 156 -4.27 32.00 14.24
CA GLY B 156 -4.49 31.49 15.59
C GLY B 156 -5.86 31.72 16.20
N CYS B 157 -6.36 32.95 16.13
CA CYS B 157 -7.68 33.27 16.67
C CYS B 157 -8.76 32.52 15.93
N TYR B 158 -8.60 32.38 14.62
CA TYR B 158 -9.55 31.64 13.81
C TYR B 158 -9.54 30.17 14.24
N ALA B 159 -8.33 29.63 14.45
CA ALA B 159 -8.18 28.24 14.85
C ALA B 159 -8.75 28.01 16.25
N ASP B 160 -8.66 29.02 17.11
CA ASP B 160 -9.17 28.85 18.46
C ASP B 160 -10.60 29.26 18.68
N ALA B 161 -11.23 29.84 17.66
CA ALA B 161 -12.62 30.29 17.81
C ALA B 161 -13.41 29.23 18.58
N LYS B 162 -14.17 29.66 19.59
CA LYS B 162 -14.92 28.71 20.39
C LYS B 162 -16.29 28.32 19.86
N THR B 163 -16.86 29.12 18.96
CA THR B 163 -18.17 28.81 18.37
C THR B 163 -18.15 28.99 16.85
N ASP B 164 -19.13 28.41 16.17
CA ASP B 164 -19.17 28.54 14.71
C ASP B 164 -19.25 29.99 14.29
N ALA B 165 -19.98 30.79 15.08
CA ALA B 165 -20.13 32.20 14.78
C ALA B 165 -18.80 32.88 14.94
N GLU B 166 -18.15 32.64 16.07
CA GLU B 166 -16.87 33.27 16.34
C GLU B 166 -15.87 32.93 15.23
N GLN B 167 -15.97 31.70 14.73
CA GLN B 167 -15.07 31.25 13.68
C GLN B 167 -15.29 32.09 12.43
N ALA B 168 -16.55 32.17 12.02
CA ALA B 168 -16.94 32.91 10.84
C ALA B 168 -16.45 34.36 10.92
N GLN B 169 -16.54 34.96 12.10
CA GLN B 169 -16.09 36.35 12.29
C GLN B 169 -14.60 36.42 12.01
N GLU B 170 -13.84 35.55 12.69
CA GLU B 170 -12.39 35.49 12.49
C GLU B 170 -12.01 35.25 11.03
N LEU B 171 -12.79 34.45 10.31
CA LEU B 171 -12.52 34.14 8.90
C LEU B 171 -12.67 35.42 8.05
N ALA B 172 -13.84 36.05 8.14
CA ALA B 172 -14.11 37.26 7.37
C ALA B 172 -13.06 38.32 7.68
N ARG B 173 -12.58 38.33 8.92
CA ARG B 173 -11.58 39.28 9.33
C ARG B 173 -10.25 38.99 8.60
N ILE B 174 -9.87 37.72 8.53
CA ILE B 174 -8.66 37.31 7.84
C ILE B 174 -8.82 37.55 6.33
N ALA B 175 -10.01 37.27 5.79
CA ALA B 175 -10.26 37.45 4.36
C ALA B 175 -10.19 38.93 3.97
N LYS B 176 -10.84 39.78 4.75
CA LYS B 176 -10.82 41.20 4.44
C LYS B 176 -9.42 41.76 4.58
N ALA B 177 -8.69 41.28 5.59
CA ALA B 177 -7.32 41.76 5.81
C ALA B 177 -6.41 41.35 4.64
N ALA B 178 -6.62 40.14 4.11
CA ALA B 178 -5.81 39.65 3.01
C ALA B 178 -6.01 40.51 1.76
N THR B 179 -7.26 40.87 1.46
CA THR B 179 -7.59 41.69 0.29
C THR B 179 -6.93 43.08 0.45
N PHE B 180 -7.00 43.59 1.68
CA PHE B 180 -6.44 44.90 2.02
C PHE B 180 -4.93 44.86 1.82
N ALA B 181 -4.31 43.83 2.36
CA ALA B 181 -2.89 43.66 2.24
C ALA B 181 -2.55 43.64 0.76
N ALA B 182 -3.24 42.80 0.01
CA ALA B 182 -2.98 42.72 -1.42
C ALA B 182 -3.13 44.09 -2.09
N SER B 183 -4.12 44.89 -1.71
CA SER B 183 -4.30 46.20 -2.35
C SER B 183 -3.14 47.18 -2.11
N LEU B 184 -2.35 46.93 -1.06
CA LEU B 184 -1.20 47.76 -0.73
C LEU B 184 0.04 47.16 -1.38
N GLY B 185 -0.15 46.20 -2.29
CA GLY B 185 0.98 45.58 -2.96
C GLY B 185 1.75 44.49 -2.21
N LEU B 186 1.23 44.02 -1.07
CA LEU B 186 1.92 42.99 -0.30
C LEU B 186 1.50 41.59 -0.76
N LYS B 187 2.41 40.63 -0.66
CA LYS B 187 2.02 39.28 -0.97
C LYS B 187 1.67 38.75 0.44
N VAL B 188 0.61 37.96 0.52
CA VAL B 188 0.18 37.49 1.83
C VAL B 188 0.11 35.98 2.07
N ASN B 189 0.64 35.60 3.22
CA ASN B 189 0.67 34.23 3.66
C ASN B 189 -0.17 34.17 4.92
N ALA B 190 -0.39 32.97 5.42
CA ALA B 190 -1.20 32.77 6.62
C ALA B 190 -0.70 31.51 7.31
N GLY B 191 -0.92 31.46 8.62
CA GLY B 191 -0.47 30.32 9.37
C GLY B 191 -0.64 30.41 10.88
N HIS B 192 -0.47 29.23 11.48
CA HIS B 192 -0.57 28.99 12.91
C HIS B 192 -1.94 28.48 13.28
N GLY B 193 -1.98 27.21 13.72
CA GLY B 193 -3.24 26.60 14.10
C GLY B 193 -4.05 25.98 12.96
N LEU B 194 -3.55 26.02 11.73
CA LEU B 194 -4.31 25.42 10.63
C LEU B 194 -4.29 23.89 10.75
N THR B 195 -5.46 23.29 10.64
CA THR B 195 -5.62 21.85 10.76
C THR B 195 -6.25 21.26 9.52
N TYR B 196 -6.43 19.94 9.52
CA TYR B 196 -7.05 19.29 8.38
C TYR B 196 -8.52 19.71 8.26
N HIS B 197 -9.16 20.08 9.38
CA HIS B 197 -10.57 20.48 9.34
C HIS B 197 -10.88 21.97 9.18
N ASN B 198 -9.89 22.86 9.34
CA ASN B 198 -10.18 24.27 9.19
C ASN B 198 -9.36 24.94 8.09
N VAL B 199 -8.50 24.17 7.45
CA VAL B 199 -7.65 24.75 6.41
C VAL B 199 -8.34 25.23 5.14
N LYS B 200 -9.34 24.49 4.67
CA LYS B 200 -10.02 24.84 3.41
C LYS B 200 -10.57 26.24 3.30
N ALA B 201 -11.30 26.68 4.34
CA ALA B 201 -11.87 28.02 4.35
C ALA B 201 -10.77 29.06 4.20
N ILE B 202 -9.59 28.78 4.73
CA ILE B 202 -8.47 29.73 4.64
C ILE B 202 -7.82 29.60 3.28
N ALA B 203 -7.75 28.37 2.78
CA ALA B 203 -7.13 28.12 1.47
C ALA B 203 -7.96 28.79 0.37
N ALA B 204 -9.27 28.83 0.56
CA ALA B 204 -10.15 29.42 -0.42
C ALA B 204 -9.93 30.94 -0.57
N ILE B 205 -9.36 31.61 0.44
CA ILE B 205 -9.10 33.04 0.32
C ILE B 205 -8.15 33.24 -0.89
N PRO B 206 -8.63 33.94 -1.93
CA PRO B 206 -7.88 34.22 -3.16
C PRO B 206 -6.47 34.76 -3.02
N GLU B 207 -6.34 35.81 -2.21
CA GLU B 207 -5.06 36.47 -2.01
C GLU B 207 -3.96 35.60 -1.38
N MET B 208 -4.32 34.50 -0.71
CA MET B 208 -3.32 33.69 -0.04
C MET B 208 -2.25 33.10 -0.96
N HIS B 209 -0.99 33.39 -0.63
CA HIS B 209 0.13 32.93 -1.42
C HIS B 209 0.64 31.58 -0.92
N GLU B 210 0.94 31.47 0.37
CA GLU B 210 1.42 30.22 0.95
C GLU B 210 0.92 30.10 2.39
N LEU B 211 0.56 28.88 2.78
CA LEU B 211 0.10 28.65 4.13
C LEU B 211 1.24 27.89 4.82
N ASN B 212 1.58 28.32 6.01
CA ASN B 212 2.63 27.67 6.76
C ASN B 212 1.95 26.85 7.88
N ILE B 213 2.14 25.54 7.78
CA ILE B 213 1.51 24.61 8.68
C ILE B 213 2.49 23.62 9.28
N GLY B 214 2.40 23.44 10.59
CA GLY B 214 3.32 22.53 11.25
C GLY B 214 2.72 21.47 12.14
N HIS B 215 2.40 21.88 13.36
CA HIS B 215 1.89 20.99 14.36
C HIS B 215 0.80 19.99 13.94
N ALA B 216 -0.21 20.44 13.23
CA ALA B 216 -1.29 19.52 12.79
C ALA B 216 -0.73 18.46 11.82
N ILE B 217 0.25 18.83 11.01
CA ILE B 217 0.83 17.87 10.09
C ILE B 217 1.66 16.83 10.85
N ILE B 218 2.50 17.26 11.81
CA ILE B 218 3.30 16.33 12.60
C ILE B 218 2.37 15.43 13.41
N GLY B 219 1.30 16.02 13.94
CA GLY B 219 0.33 15.28 14.72
C GLY B 219 -0.36 14.17 13.93
N ARG B 220 -0.68 14.43 12.67
CA ARG B 220 -1.28 13.41 11.81
C ARG B 220 -0.20 12.38 11.48
N ALA B 221 1.02 12.87 11.27
CA ALA B 221 2.16 12.01 10.92
C ALA B 221 2.49 10.88 11.88
N VAL B 222 2.45 11.09 13.20
CA VAL B 222 2.75 9.96 14.10
C VAL B 222 1.72 8.84 13.91
N MET B 223 0.58 9.14 13.32
CA MET B 223 -0.42 8.09 13.08
C MET B 223 -0.23 7.48 11.68
N THR B 224 -0.22 8.33 10.66
CA THR B 224 -0.12 7.90 9.26
C THR B 224 1.25 7.99 8.55
N GLY B 225 2.20 8.69 9.13
CA GLY B 225 3.46 8.85 8.41
C GLY B 225 3.47 10.23 7.76
N LEU B 226 4.63 10.86 7.72
CA LEU B 226 4.74 12.20 7.18
C LEU B 226 4.26 12.35 5.76
N LYS B 227 4.58 11.38 4.92
CA LYS B 227 4.20 11.48 3.52
C LYS B 227 2.71 11.68 3.31
N ASP B 228 1.89 10.79 3.82
CA ASP B 228 0.45 10.94 3.64
C ASP B 228 -0.05 12.20 4.35
N ALA B 229 0.54 12.54 5.49
CA ALA B 229 0.08 13.71 6.22
C ALA B 229 0.23 14.97 5.39
N VAL B 230 1.38 15.13 4.74
CA VAL B 230 1.62 16.30 3.91
C VAL B 230 0.76 16.29 2.64
N ALA B 231 0.73 15.15 1.97
CA ALA B 231 -0.03 15.00 0.75
C ALA B 231 -1.51 15.29 1.02
N GLU B 232 -2.02 14.82 2.14
CA GLU B 232 -3.42 15.10 2.50
C GLU B 232 -3.68 16.62 2.66
N MET B 233 -2.81 17.30 3.41
CA MET B 233 -2.97 18.73 3.65
C MET B 233 -2.95 19.45 2.32
N LYS B 234 -2.01 19.10 1.47
CA LYS B 234 -1.92 19.74 0.17
C LYS B 234 -3.17 19.48 -0.68
N ARG B 235 -3.70 18.25 -0.62
CA ARG B 235 -4.88 17.92 -1.40
C ARG B 235 -6.08 18.78 -0.97
N LEU B 236 -6.26 18.95 0.34
CA LEU B 236 -7.36 19.76 0.86
C LEU B 236 -7.25 21.20 0.37
N MET B 237 -6.03 21.73 0.39
CA MET B 237 -5.80 23.12 -0.03
C MET B 237 -6.14 23.35 -1.50
N LEU B 238 -5.68 22.45 -2.39
CA LEU B 238 -5.94 22.59 -3.82
C LEU B 238 -7.44 22.43 -4.08
N GLU B 239 -8.10 21.59 -3.29
CA GLU B 239 -9.53 21.40 -3.46
C GLU B 239 -10.25 22.71 -3.13
N ALA B 240 -9.82 23.39 -2.07
CA ALA B 240 -10.45 24.63 -1.65
C ALA B 240 -10.44 25.66 -2.77
N ARG B 241 -9.28 25.81 -3.41
CA ARG B 241 -9.12 26.75 -4.52
C ARG B 241 -9.91 26.35 -5.78
N GLY B 242 -10.18 25.06 -5.95
CA GLY B 242 -10.91 24.61 -7.11
C GLY B 242 -12.42 24.78 -7.06
N ALA C 1 -25.84 14.43 -14.92
CA ALA C 1 -25.42 13.10 -14.38
C ALA C 1 -24.02 12.72 -14.87
N GLU C 2 -23.29 11.98 -14.05
CA GLU C 2 -21.94 11.58 -14.40
C GLU C 2 -21.89 10.43 -15.41
N LEU C 3 -20.77 10.35 -16.11
CA LEU C 3 -20.53 9.31 -17.10
C LEU C 3 -20.40 7.99 -16.34
N LEU C 4 -21.12 6.97 -16.76
CA LEU C 4 -21.07 5.68 -16.10
C LEU C 4 -20.10 4.72 -16.76
N LEU C 5 -19.62 3.75 -16.00
CA LEU C 5 -18.70 2.73 -16.49
C LEU C 5 -19.32 1.34 -16.31
N GLY C 6 -19.42 0.58 -17.39
CA GLY C 6 -19.95 -0.77 -17.30
C GLY C 6 -18.71 -1.63 -17.50
N VAL C 7 -18.38 -2.49 -16.54
CA VAL C 7 -17.18 -3.31 -16.69
C VAL C 7 -17.57 -4.70 -17.20
N ASN C 8 -17.01 -5.08 -18.34
CA ASN C 8 -17.29 -6.37 -18.92
C ASN C 8 -16.28 -7.35 -18.35
N ILE C 9 -16.77 -8.36 -17.64
CA ILE C 9 -15.89 -9.32 -17.03
C ILE C 9 -15.72 -10.66 -17.77
N ASP C 10 -16.18 -10.71 -19.03
CA ASP C 10 -16.06 -11.94 -19.82
C ASP C 10 -14.66 -12.55 -19.72
N HIS C 11 -13.63 -11.73 -19.90
CA HIS C 11 -12.29 -12.26 -19.91
C HIS C 11 -11.76 -12.83 -18.62
N ILE C 12 -12.48 -12.58 -17.53
CA ILE C 12 -12.09 -13.18 -16.27
C ILE C 12 -12.42 -14.65 -16.52
N ALA C 13 -13.59 -14.88 -17.10
CA ALA C 13 -14.04 -16.25 -17.41
C ALA C 13 -13.22 -16.93 -18.49
N THR C 14 -12.63 -16.17 -19.41
CA THR C 14 -11.84 -16.83 -20.44
C THR C 14 -10.56 -17.39 -19.84
N LEU C 15 -10.04 -16.75 -18.79
CA LEU C 15 -8.85 -17.26 -18.14
C LEU C 15 -9.22 -18.56 -17.40
N ARG C 16 -10.40 -18.54 -16.79
CA ARG C 16 -10.88 -19.70 -16.05
C ARG C 16 -11.13 -20.89 -16.95
N ASN C 17 -11.86 -20.65 -18.04
CA ASN C 17 -12.23 -21.70 -18.99
C ASN C 17 -11.09 -22.32 -19.77
N ALA C 18 -9.87 -21.81 -19.59
CA ALA C 18 -8.70 -22.40 -20.26
C ALA C 18 -8.35 -23.73 -19.57
N ARG C 19 -8.90 -23.93 -18.37
CA ARG C 19 -8.70 -25.15 -17.60
C ARG C 19 -10.06 -25.63 -17.09
N GLY C 20 -10.08 -26.78 -16.43
CA GLY C 20 -11.33 -27.26 -15.89
C GLY C 20 -11.54 -26.79 -14.45
N THR C 21 -10.67 -25.90 -13.99
CA THR C 21 -10.73 -25.37 -12.62
C THR C 21 -11.81 -24.29 -12.52
N ALA C 22 -12.12 -23.85 -11.30
CA ALA C 22 -13.17 -22.86 -11.13
C ALA C 22 -12.68 -21.42 -10.95
N TYR C 23 -11.37 -21.23 -10.91
CA TYR C 23 -10.81 -19.88 -10.71
C TYR C 23 -10.12 -19.39 -11.97
N PRO C 24 -10.08 -18.06 -12.18
CA PRO C 24 -10.67 -17.05 -11.29
C PRO C 24 -12.19 -17.01 -11.50
N ASP C 25 -12.90 -16.64 -10.44
CA ASP C 25 -14.36 -16.60 -10.49
C ASP C 25 -14.89 -15.20 -10.81
N PRO C 26 -15.69 -15.10 -11.88
CA PRO C 26 -16.29 -13.84 -12.31
C PRO C 26 -17.08 -13.19 -11.14
N VAL C 27 -17.71 -14.03 -10.33
CA VAL C 27 -18.51 -13.55 -9.20
C VAL C 27 -17.64 -12.70 -8.26
N GLN C 28 -16.36 -13.07 -8.11
CA GLN C 28 -15.47 -12.31 -7.23
C GLN C 28 -15.12 -11.01 -7.94
N ALA C 29 -14.74 -11.12 -9.22
CA ALA C 29 -14.38 -9.95 -10.02
C ALA C 29 -15.48 -8.87 -9.98
N ALA C 30 -16.74 -9.30 -10.09
CA ALA C 30 -17.87 -8.35 -10.10
C ALA C 30 -17.95 -7.54 -8.82
N PHE C 31 -17.77 -8.21 -7.67
CA PHE C 31 -17.78 -7.50 -6.39
C PHE C 31 -16.65 -6.46 -6.39
N ILE C 32 -15.47 -6.85 -6.85
CA ILE C 32 -14.31 -5.93 -6.85
C ILE C 32 -14.56 -4.69 -7.71
N ALA C 33 -15.03 -4.94 -8.94
CA ALA C 33 -15.32 -3.89 -9.90
C ALA C 33 -16.36 -2.94 -9.35
N GLU C 34 -17.47 -3.50 -8.89
CA GLU C 34 -18.55 -2.68 -8.37
C GLU C 34 -18.11 -1.78 -7.23
N GLN C 35 -17.09 -2.19 -6.50
CA GLN C 35 -16.64 -1.38 -5.37
C GLN C 35 -15.46 -0.50 -5.72
N ALA C 36 -15.02 -0.55 -6.97
CA ALA C 36 -13.88 0.23 -7.40
C ALA C 36 -14.13 1.21 -8.57
N GLY C 37 -15.40 1.56 -8.83
CA GLY C 37 -15.67 2.47 -9.94
C GLY C 37 -16.68 1.96 -10.98
N ALA C 38 -17.06 0.68 -10.93
CA ALA C 38 -18.03 0.17 -11.90
C ALA C 38 -19.43 0.56 -11.45
N ASP C 39 -20.26 0.99 -12.40
CA ASP C 39 -21.64 1.35 -12.08
C ASP C 39 -22.58 0.21 -12.53
N GLY C 40 -22.03 -0.71 -13.31
CA GLY C 40 -22.77 -1.85 -13.82
C GLY C 40 -21.77 -2.93 -14.22
N ILE C 41 -22.22 -4.17 -14.30
CA ILE C 41 -21.37 -5.28 -14.67
C ILE C 41 -21.96 -5.89 -15.93
N THR C 42 -21.12 -6.13 -16.92
CA THR C 42 -21.55 -6.66 -18.19
C THR C 42 -21.02 -8.06 -18.45
N VAL C 43 -21.89 -8.93 -18.95
CA VAL C 43 -21.51 -10.29 -19.35
C VAL C 43 -22.15 -10.58 -20.70
N HIS C 44 -21.37 -11.23 -21.54
CA HIS C 44 -21.80 -11.61 -22.84
C HIS C 44 -21.99 -13.12 -22.79
N LEU C 45 -23.23 -13.58 -22.76
CA LEU C 45 -23.56 -15.01 -22.76
C LEU C 45 -23.49 -15.46 -24.22
N ARG C 46 -22.40 -16.10 -24.61
CA ARG C 46 -22.23 -16.54 -25.98
C ARG C 46 -22.87 -17.90 -26.15
N GLU C 47 -23.32 -18.18 -27.36
CA GLU C 47 -23.97 -19.45 -27.64
C GLU C 47 -23.09 -20.63 -27.29
N ASP C 48 -21.78 -20.46 -27.47
CA ASP C 48 -20.83 -21.53 -27.16
C ASP C 48 -20.30 -21.51 -25.72
N ARG C 49 -20.81 -20.61 -24.90
CA ARG C 49 -20.39 -20.49 -23.50
C ARG C 49 -18.87 -20.51 -23.35
N ARG C 50 -18.20 -19.90 -24.31
CA ARG C 50 -16.75 -19.79 -24.37
C ARG C 50 -16.12 -19.27 -23.05
N HIS C 51 -16.81 -18.33 -22.39
CA HIS C 51 -16.30 -17.82 -21.14
C HIS C 51 -17.43 -17.77 -20.10
N ILE C 52 -18.29 -16.76 -20.14
CA ILE C 52 -19.42 -16.68 -19.23
C ILE C 52 -20.36 -17.88 -19.42
N THR C 53 -20.81 -18.46 -18.32
CA THR C 53 -21.70 -19.63 -18.40
C THR C 53 -23.06 -19.32 -17.79
N ASP C 54 -24.01 -20.22 -17.98
CA ASP C 54 -25.36 -20.06 -17.41
C ASP C 54 -25.20 -19.96 -15.90
N ARG C 55 -24.28 -20.77 -15.37
CA ARG C 55 -23.98 -20.79 -13.95
C ARG C 55 -23.57 -19.36 -13.49
N ASP C 56 -22.72 -18.71 -14.29
CA ASP C 56 -22.25 -17.35 -13.98
C ASP C 56 -23.40 -16.36 -13.92
N VAL C 57 -24.21 -16.35 -14.98
CA VAL C 57 -25.35 -15.44 -15.08
C VAL C 57 -26.26 -15.61 -13.91
N ARG C 58 -26.55 -16.87 -13.61
CA ARG C 58 -27.43 -17.23 -12.52
C ARG C 58 -26.91 -16.74 -11.16
N ILE C 59 -25.65 -16.95 -10.88
CA ILE C 59 -25.16 -16.48 -9.59
C ILE C 59 -25.00 -14.96 -9.61
N LEU C 60 -24.41 -14.43 -10.67
CA LEU C 60 -24.25 -12.97 -10.76
C LEU C 60 -25.56 -12.24 -10.53
N ARG C 61 -26.63 -12.74 -11.13
CA ARG C 61 -27.93 -12.11 -10.98
C ARG C 61 -28.33 -11.98 -9.51
N GLN C 62 -27.80 -12.85 -8.66
CA GLN C 62 -28.13 -12.81 -7.23
C GLN C 62 -27.10 -12.05 -6.37
N THR C 63 -25.88 -11.91 -6.88
CA THR C 63 -24.83 -11.25 -6.13
C THR C 63 -24.52 -9.80 -6.50
N LEU C 64 -24.73 -9.40 -7.76
CA LEU C 64 -24.45 -8.03 -8.14
C LEU C 64 -25.19 -7.05 -7.25
N ASP C 65 -24.49 -6.02 -6.83
CA ASP C 65 -25.04 -4.98 -5.98
C ASP C 65 -25.58 -3.86 -6.88
N THR C 66 -25.03 -3.72 -8.09
CA THR C 66 -25.48 -2.68 -9.03
C THR C 66 -26.54 -3.25 -10.00
N ARG C 67 -26.16 -3.59 -11.24
CA ARG C 67 -27.12 -4.15 -12.18
C ARG C 67 -26.39 -4.86 -13.32
N MET C 68 -27.05 -5.84 -13.91
CA MET C 68 -26.46 -6.61 -14.98
C MET C 68 -26.77 -6.06 -16.38
N ASN C 69 -25.78 -6.12 -17.25
CA ASN C 69 -26.00 -5.73 -18.64
C ASN C 69 -25.68 -7.01 -19.41
N LEU C 70 -26.73 -7.69 -19.86
CA LEU C 70 -26.55 -8.95 -20.58
C LEU C 70 -26.35 -8.77 -22.09
N GLU C 71 -25.16 -9.09 -22.59
CA GLU C 71 -24.88 -9.00 -24.02
C GLU C 71 -25.25 -10.36 -24.60
N MET C 72 -25.93 -10.35 -25.75
CA MET C 72 -26.35 -11.61 -26.38
C MET C 72 -26.80 -11.40 -27.82
N ALA C 73 -26.80 -12.49 -28.57
CA ALA C 73 -27.21 -12.46 -29.96
C ALA C 73 -28.72 -12.47 -29.93
N VAL C 74 -29.34 -12.03 -31.02
CA VAL C 74 -30.80 -12.01 -31.08
C VAL C 74 -31.27 -13.38 -31.58
N THR C 75 -31.38 -14.35 -30.68
CA THR C 75 -31.86 -15.68 -31.04
C THR C 75 -32.89 -16.08 -30.01
N GLU C 76 -33.70 -17.08 -30.35
CA GLU C 76 -34.75 -17.55 -29.46
C GLU C 76 -34.17 -17.98 -28.12
N GLU C 77 -33.08 -18.73 -28.18
CA GLU C 77 -32.42 -19.20 -26.99
C GLU C 77 -32.15 -18.04 -26.04
N MET C 78 -31.51 -16.99 -26.55
CA MET C 78 -31.16 -15.82 -25.72
C MET C 78 -32.31 -14.94 -25.28
N LEU C 79 -33.27 -14.71 -26.17
CA LEU C 79 -34.43 -13.90 -25.79
C LEU C 79 -35.11 -14.61 -24.62
N ALA C 80 -35.20 -15.93 -24.72
CA ALA C 80 -35.83 -16.73 -23.67
C ALA C 80 -35.03 -16.65 -22.37
N ILE C 81 -33.71 -16.79 -22.48
CA ILE C 81 -32.89 -16.70 -21.27
C ILE C 81 -33.03 -15.29 -20.71
N ALA C 82 -32.92 -14.30 -21.58
CA ALA C 82 -33.04 -12.89 -21.22
C ALA C 82 -34.33 -12.60 -20.46
N VAL C 83 -35.44 -13.11 -20.98
CA VAL C 83 -36.71 -12.87 -20.34
C VAL C 83 -36.82 -13.53 -18.98
N GLU C 84 -36.22 -14.70 -18.85
CA GLU C 84 -36.28 -15.35 -17.55
C GLU C 84 -35.34 -14.67 -16.55
N THR C 85 -34.16 -14.27 -17.01
CA THR C 85 -33.16 -13.61 -16.17
C THR C 85 -33.51 -12.19 -15.71
N LYS C 86 -34.30 -11.47 -16.52
CA LYS C 86 -34.71 -10.12 -16.17
C LYS C 86 -33.55 -9.17 -15.83
N PRO C 87 -32.48 -9.17 -16.63
CA PRO C 87 -31.36 -8.26 -16.33
C PRO C 87 -31.86 -6.83 -16.49
N HIS C 88 -31.24 -5.88 -15.80
CA HIS C 88 -31.66 -4.49 -15.91
C HIS C 88 -31.50 -4.01 -17.37
N PHE C 89 -30.38 -4.37 -17.97
CA PHE C 89 -30.12 -4.01 -19.35
C PHE C 89 -29.79 -5.27 -20.13
N CYS C 90 -30.00 -5.18 -21.44
CA CYS C 90 -29.70 -6.24 -22.37
C CYS C 90 -29.11 -5.51 -23.58
N CYS C 91 -27.95 -5.94 -24.04
CA CYS C 91 -27.32 -5.31 -25.18
C CYS C 91 -27.30 -6.32 -26.31
N LEU C 92 -28.04 -6.05 -27.39
CA LEU C 92 -28.12 -6.97 -28.51
C LEU C 92 -26.98 -6.79 -29.51
N VAL C 93 -26.23 -7.87 -29.71
CA VAL C 93 -25.09 -7.79 -30.61
C VAL C 93 -25.17 -8.88 -31.65
N PRO C 94 -24.43 -8.72 -32.73
CA PRO C 94 -24.44 -9.74 -33.78
C PRO C 94 -23.40 -10.76 -33.29
N GLU C 95 -23.49 -12.01 -33.71
CA GLU C 95 -22.52 -12.97 -33.23
C GLU C 95 -22.35 -14.24 -34.07
N LYS C 96 -21.10 -14.50 -34.42
CA LYS C 96 -20.74 -15.71 -35.17
C LYS C 96 -20.21 -16.61 -34.04
N ARG C 97 -20.49 -17.91 -34.12
CA ARG C 97 -20.06 -18.83 -33.05
C ARG C 97 -18.56 -18.90 -32.77
N GLN C 98 -17.73 -18.59 -33.77
CA GLN C 98 -16.29 -18.67 -33.58
C GLN C 98 -15.49 -17.42 -33.97
N GLU C 99 -16.12 -16.27 -33.81
CA GLU C 99 -15.48 -14.98 -34.11
C GLU C 99 -14.54 -14.68 -32.93
N VAL C 100 -13.45 -13.95 -33.19
CA VAL C 100 -12.48 -13.59 -32.15
C VAL C 100 -13.21 -12.86 -31.01
N THR C 101 -14.06 -11.91 -31.38
CA THR C 101 -14.83 -11.10 -30.44
C THR C 101 -15.99 -10.49 -31.25
N THR C 102 -16.73 -9.57 -30.65
CA THR C 102 -17.83 -8.91 -31.35
C THR C 102 -17.15 -8.15 -32.50
N GLU C 103 -17.59 -8.45 -33.73
CA GLU C 103 -17.00 -7.86 -34.92
C GLU C 103 -17.51 -6.45 -35.25
N GLY C 104 -18.80 -6.35 -35.54
CA GLY C 104 -19.37 -5.05 -35.89
C GLY C 104 -20.67 -4.79 -35.21
N GLY C 105 -21.42 -3.82 -35.74
CA GLY C 105 -22.69 -3.49 -35.15
C GLY C 105 -23.79 -4.40 -35.69
N LEU C 106 -24.92 -4.38 -35.02
CA LEU C 106 -26.06 -5.16 -35.44
C LEU C 106 -26.49 -4.57 -36.76
N ASP C 107 -27.12 -5.40 -37.58
CA ASP C 107 -27.64 -4.90 -38.83
C ASP C 107 -29.11 -4.69 -38.50
N VAL C 108 -29.43 -3.52 -37.97
CA VAL C 108 -30.80 -3.19 -37.57
C VAL C 108 -31.67 -2.71 -38.74
N ALA C 109 -31.09 -1.83 -39.55
CA ALA C 109 -31.81 -1.27 -40.69
C ALA C 109 -32.24 -2.35 -41.66
N GLY C 110 -31.53 -3.47 -41.64
CA GLY C 110 -31.85 -4.57 -42.54
C GLY C 110 -32.58 -5.73 -41.89
N GLN C 111 -33.06 -5.56 -40.66
CA GLN C 111 -33.80 -6.59 -39.96
C GLN C 111 -34.75 -5.87 -39.03
N ARG C 112 -35.46 -4.89 -39.57
CA ARG C 112 -36.38 -4.09 -38.77
C ARG C 112 -37.39 -4.92 -38.00
N ASP C 113 -38.07 -5.83 -38.66
CA ASP C 113 -39.05 -6.64 -37.96
C ASP C 113 -38.42 -7.42 -36.80
N LYS C 114 -37.37 -8.19 -37.10
CA LYS C 114 -36.70 -8.97 -36.07
C LYS C 114 -36.33 -8.13 -34.85
N MET C 115 -35.66 -6.99 -35.09
CA MET C 115 -35.27 -6.17 -33.97
C MET C 115 -36.46 -5.57 -33.22
N ARG C 116 -37.50 -5.22 -33.97
CA ARG C 116 -38.70 -4.62 -33.38
C ARG C 116 -39.37 -5.61 -32.41
N ASP C 117 -39.52 -6.86 -32.83
CA ASP C 117 -40.11 -7.88 -31.97
C ASP C 117 -39.22 -8.14 -30.76
N ALA C 118 -37.92 -8.29 -30.99
CA ALA C 118 -36.98 -8.51 -29.89
C ALA C 118 -37.07 -7.37 -28.88
N CYS C 119 -37.00 -6.14 -29.33
CA CYS C 119 -37.08 -5.01 -28.41
C CYS C 119 -38.37 -5.08 -27.61
N LYS C 120 -39.47 -5.36 -28.32
CA LYS C 120 -40.80 -5.46 -27.74
C LYS C 120 -40.83 -6.55 -26.66
N ARG C 121 -40.39 -7.74 -27.05
CA ARG C 121 -40.35 -8.89 -26.18
C ARG C 121 -39.51 -8.64 -24.90
N LEU C 122 -38.34 -8.04 -25.06
CA LEU C 122 -37.49 -7.75 -23.91
C LEU C 122 -38.12 -6.67 -23.06
N ALA C 123 -38.74 -5.70 -23.72
CA ALA C 123 -39.36 -4.57 -23.05
C ALA C 123 -40.56 -4.99 -22.24
N ASP C 124 -41.30 -5.99 -22.72
CA ASP C 124 -42.46 -6.44 -21.96
C ASP C 124 -41.95 -7.04 -20.66
N ALA C 125 -40.79 -7.69 -20.73
CA ALA C 125 -40.17 -8.32 -19.58
C ALA C 125 -39.41 -7.30 -18.73
N GLY C 126 -39.72 -6.02 -18.92
CA GLY C 126 -39.08 -4.95 -18.16
C GLY C 126 -37.58 -4.76 -18.30
N ILE C 127 -37.01 -5.20 -19.42
CA ILE C 127 -35.58 -5.07 -19.67
C ILE C 127 -35.30 -3.86 -20.56
N GLN C 128 -34.37 -2.98 -20.17
CA GLN C 128 -34.03 -1.83 -21.00
C GLN C 128 -33.05 -2.25 -22.07
N VAL C 129 -33.49 -2.17 -23.32
CA VAL C 129 -32.69 -2.63 -24.45
C VAL C 129 -31.71 -1.67 -25.10
N SER C 130 -30.54 -2.21 -25.43
CA SER C 130 -29.53 -1.43 -26.08
C SER C 130 -29.08 -2.16 -27.32
N LEU C 131 -29.08 -1.45 -28.45
CA LEU C 131 -28.67 -2.04 -29.70
C LEU C 131 -27.26 -1.59 -29.98
N PHE C 132 -26.36 -2.56 -30.13
CA PHE C 132 -24.95 -2.28 -30.41
C PHE C 132 -24.90 -2.06 -31.91
N ILE C 133 -24.48 -0.86 -32.34
CA ILE C 133 -24.41 -0.55 -33.77
C ILE C 133 -23.21 0.30 -34.14
N ASP C 134 -22.94 0.41 -35.44
CA ASP C 134 -21.84 1.22 -35.94
C ASP C 134 -22.25 2.70 -35.85
N ALA C 135 -21.28 3.61 -35.85
CA ALA C 135 -21.58 5.05 -35.82
C ALA C 135 -22.10 5.32 -37.24
N ASP C 136 -23.32 4.87 -37.49
CA ASP C 136 -23.94 4.93 -38.81
C ASP C 136 -25.36 5.48 -38.74
N GLU C 137 -25.57 6.65 -39.34
CA GLU C 137 -26.88 7.28 -39.28
C GLU C 137 -28.07 6.39 -39.65
N GLU C 138 -27.92 5.56 -40.68
CA GLU C 138 -29.02 4.70 -41.09
C GLU C 138 -29.32 3.70 -39.97
N GLN C 139 -28.29 3.10 -39.40
CA GLN C 139 -28.50 2.14 -38.32
C GLN C 139 -29.07 2.84 -37.09
N ILE C 140 -28.62 4.06 -36.83
CA ILE C 140 -29.10 4.82 -35.67
C ILE C 140 -30.59 5.19 -35.80
N LYS C 141 -31.00 5.68 -36.97
CA LYS C 141 -32.40 6.04 -37.20
C LYS C 141 -33.26 4.77 -37.04
N ALA C 142 -32.76 3.67 -37.60
CA ALA C 142 -33.47 2.41 -37.53
C ALA C 142 -33.66 1.98 -36.09
N ALA C 143 -32.58 2.01 -35.30
CA ALA C 143 -32.65 1.60 -33.91
C ALA C 143 -33.75 2.38 -33.23
N ALA C 144 -33.80 3.69 -33.48
CA ALA C 144 -34.83 4.51 -32.85
C ALA C 144 -36.22 4.04 -33.29
N GLU C 145 -36.40 3.83 -34.59
CA GLU C 145 -37.70 3.40 -35.10
C GLU C 145 -38.15 2.02 -34.59
N VAL C 146 -37.24 1.07 -34.42
CA VAL C 146 -37.66 -0.23 -33.91
C VAL C 146 -38.02 -0.18 -32.42
N GLY C 147 -37.87 1.00 -31.81
CA GLY C 147 -38.23 1.17 -30.40
C GLY C 147 -37.18 1.11 -29.28
N ALA C 148 -35.96 0.69 -29.58
CA ALA C 148 -34.93 0.59 -28.55
C ALA C 148 -34.66 1.92 -27.83
N PRO C 149 -34.52 1.89 -26.49
CA PRO C 149 -34.26 3.14 -25.74
C PRO C 149 -32.77 3.48 -25.76
N PHE C 150 -31.93 2.50 -26.05
CA PHE C 150 -30.49 2.74 -26.07
C PHE C 150 -29.79 2.19 -27.29
N ILE C 151 -28.68 2.82 -27.65
CA ILE C 151 -27.83 2.25 -28.69
C ILE C 151 -26.45 2.29 -28.04
N GLU C 152 -25.56 1.42 -28.49
CA GLU C 152 -24.19 1.48 -27.98
C GLU C 152 -23.33 1.52 -29.23
N ILE C 153 -22.63 2.63 -29.41
CA ILE C 153 -21.80 2.80 -30.57
C ILE C 153 -20.49 2.02 -30.48
N HIS C 154 -20.26 1.20 -31.51
CA HIS C 154 -19.07 0.40 -31.62
C HIS C 154 -17.82 1.31 -31.75
N THR C 155 -16.89 1.22 -30.81
CA THR C 155 -15.72 2.08 -30.85
C THR C 155 -14.51 1.37 -31.44
N GLY C 156 -14.73 0.18 -31.98
CA GLY C 156 -13.66 -0.61 -32.55
C GLY C 156 -12.84 0.05 -33.64
N CYS C 157 -13.50 0.67 -34.62
CA CYS C 157 -12.78 1.32 -35.72
C CYS C 157 -11.93 2.46 -35.18
N TYR C 158 -12.46 3.17 -34.21
CA TYR C 158 -11.72 4.25 -33.59
C TYR C 158 -10.49 3.64 -32.90
N ALA C 159 -10.72 2.56 -32.15
CA ALA C 159 -9.65 1.88 -31.43
C ALA C 159 -8.56 1.31 -32.34
N ASP C 160 -8.96 0.78 -33.50
CA ASP C 160 -7.99 0.18 -34.43
C ASP C 160 -7.36 1.14 -35.44
N ALA C 161 -7.76 2.41 -35.43
CA ALA C 161 -7.21 3.37 -36.36
C ALA C 161 -5.69 3.14 -36.47
N LYS C 162 -5.17 3.18 -37.69
CA LYS C 162 -3.75 2.96 -37.87
C LYS C 162 -2.95 4.26 -37.79
N THR C 163 -3.56 5.36 -38.16
CA THR C 163 -2.87 6.66 -38.14
C THR C 163 -3.62 7.70 -37.32
N ASP C 164 -2.91 8.72 -36.83
CA ASP C 164 -3.54 9.76 -36.04
C ASP C 164 -4.73 10.39 -36.75
N ALA C 165 -4.67 10.45 -38.07
CA ALA C 165 -5.75 11.06 -38.85
C ALA C 165 -6.92 10.11 -38.92
N GLU C 166 -6.64 8.86 -39.20
CA GLU C 166 -7.67 7.83 -39.30
C GLU C 166 -8.46 7.87 -37.99
N GLN C 167 -7.72 7.99 -36.90
CA GLN C 167 -8.29 8.05 -35.55
C GLN C 167 -9.20 9.26 -35.35
N ALA C 168 -8.70 10.45 -35.70
CA ALA C 168 -9.47 11.68 -35.55
C ALA C 168 -10.76 11.61 -36.39
N GLN C 169 -10.68 10.96 -37.52
CA GLN C 169 -11.82 10.82 -38.39
C GLN C 169 -12.88 9.93 -37.72
N GLU C 170 -12.45 8.81 -37.14
CA GLU C 170 -13.36 7.92 -36.43
C GLU C 170 -13.97 8.62 -35.21
N LEU C 171 -13.14 9.39 -34.48
CA LEU C 171 -13.62 10.13 -33.30
C LEU C 171 -14.79 11.02 -33.72
N ALA C 172 -14.54 11.88 -34.71
CA ALA C 172 -15.56 12.79 -35.22
C ALA C 172 -16.81 12.04 -35.69
N ARG C 173 -16.60 10.94 -36.39
CA ARG C 173 -17.71 10.13 -36.90
C ARG C 173 -18.58 9.66 -35.72
N ILE C 174 -17.92 9.22 -34.64
CA ILE C 174 -18.64 8.78 -33.44
C ILE C 174 -19.32 9.96 -32.72
N ALA C 175 -18.62 11.08 -32.58
CA ALA C 175 -19.23 12.22 -31.90
C ALA C 175 -20.49 12.69 -32.64
N LYS C 176 -20.41 12.78 -33.97
CA LYS C 176 -21.58 13.21 -34.72
C LYS C 176 -22.72 12.19 -34.61
N ALA C 177 -22.38 10.90 -34.72
CA ALA C 177 -23.37 9.82 -34.62
C ALA C 177 -24.10 9.98 -33.28
N ALA C 178 -23.34 10.12 -32.20
CA ALA C 178 -23.89 10.29 -30.84
C ALA C 178 -24.89 11.47 -30.75
N THR C 179 -24.49 12.61 -31.31
CA THR C 179 -25.31 13.82 -31.35
C THR C 179 -26.62 13.53 -32.12
N PHE C 180 -26.50 12.91 -33.30
CA PHE C 180 -27.66 12.56 -34.10
C PHE C 180 -28.60 11.61 -33.34
N ALA C 181 -28.03 10.58 -32.71
CA ALA C 181 -28.82 9.62 -31.94
C ALA C 181 -29.61 10.30 -30.83
N ALA C 182 -28.93 11.15 -30.04
CA ALA C 182 -29.60 11.86 -28.96
C ALA C 182 -30.73 12.71 -29.53
N SER C 183 -30.51 13.34 -30.68
CA SER C 183 -31.54 14.19 -31.28
C SER C 183 -32.82 13.38 -31.60
N LEU C 184 -32.65 12.06 -31.79
CA LEU C 184 -33.76 11.15 -32.07
C LEU C 184 -34.33 10.60 -30.77
N GLY C 185 -33.87 11.10 -29.63
CA GLY C 185 -34.36 10.61 -28.35
C GLY C 185 -33.69 9.36 -27.78
N LEU C 186 -32.64 8.89 -28.43
CA LEU C 186 -31.96 7.71 -27.94
C LEU C 186 -30.98 8.05 -26.83
N LYS C 187 -30.76 7.11 -25.93
CA LYS C 187 -29.74 7.31 -24.91
C LYS C 187 -28.53 6.59 -25.52
N VAL C 188 -27.32 7.12 -25.38
CA VAL C 188 -26.22 6.45 -26.04
C VAL C 188 -24.99 6.08 -25.26
N ASN C 189 -24.54 4.85 -25.50
CA ASN C 189 -23.37 4.26 -24.87
C ASN C 189 -22.29 4.03 -25.95
N ALA C 190 -21.14 3.54 -25.52
CA ALA C 190 -20.05 3.25 -26.44
C ALA C 190 -19.18 2.18 -25.83
N GLY C 191 -18.57 1.35 -26.68
CA GLY C 191 -17.71 0.32 -26.19
C GLY C 191 -17.09 -0.53 -27.29
N HIS C 192 -16.02 -1.21 -26.91
CA HIS C 192 -15.21 -2.14 -27.71
C HIS C 192 -13.89 -1.53 -28.09
N GLY C 193 -12.84 -2.09 -27.51
CA GLY C 193 -11.49 -1.61 -27.78
C GLY C 193 -11.07 -0.38 -26.98
N LEU C 194 -11.89 0.08 -26.04
CA LEU C 194 -11.48 1.25 -25.25
C LEU C 194 -10.31 0.89 -24.33
N THR C 195 -9.31 1.76 -24.28
CA THR C 195 -8.11 1.53 -23.47
C THR C 195 -7.80 2.72 -22.54
N TYR C 196 -6.73 2.57 -21.77
CA TYR C 196 -6.32 3.63 -20.88
C TYR C 196 -5.80 4.83 -21.67
N HIS C 197 -5.27 4.59 -22.86
CA HIS C 197 -4.80 5.71 -23.67
C HIS C 197 -5.79 6.24 -24.72
N ASN C 198 -6.90 5.54 -24.97
CA ASN C 198 -7.82 6.11 -25.98
C ASN C 198 -9.19 6.47 -25.46
N VAL C 199 -9.48 6.11 -24.22
CA VAL C 199 -10.79 6.34 -23.63
C VAL C 199 -11.20 7.79 -23.41
N LYS C 200 -10.29 8.67 -23.01
CA LYS C 200 -10.71 10.04 -22.70
C LYS C 200 -11.41 10.81 -23.81
N ALA C 201 -10.92 10.66 -25.04
CA ALA C 201 -11.56 11.37 -26.14
C ALA C 201 -12.98 10.86 -26.30
N ILE C 202 -13.20 9.58 -26.02
CA ILE C 202 -14.55 9.03 -26.16
C ILE C 202 -15.42 9.54 -25.01
N ALA C 203 -14.85 9.54 -23.81
CA ALA C 203 -15.59 10.01 -22.64
C ALA C 203 -15.88 11.51 -22.71
N ALA C 204 -15.10 12.26 -23.48
CA ALA C 204 -15.37 13.69 -23.56
C ALA C 204 -16.67 13.99 -24.32
N ILE C 205 -17.11 13.06 -25.17
CA ILE C 205 -18.36 13.24 -25.92
C ILE C 205 -19.52 13.36 -24.94
N PRO C 206 -20.21 14.50 -24.92
CA PRO C 206 -21.34 14.82 -24.02
C PRO C 206 -22.50 13.83 -24.01
N GLU C 207 -22.93 13.39 -25.18
CA GLU C 207 -24.04 12.46 -25.27
C GLU C 207 -23.78 11.10 -24.62
N MET C 208 -22.51 10.73 -24.45
CA MET C 208 -22.22 9.41 -23.86
C MET C 208 -22.84 9.24 -22.48
N HIS C 209 -23.54 8.13 -22.30
CA HIS C 209 -24.18 7.83 -21.04
C HIS C 209 -23.33 6.83 -20.24
N GLU C 210 -22.94 5.73 -20.87
CA GLU C 210 -22.11 4.74 -20.21
C GLU C 210 -21.16 4.08 -21.19
N LEU C 211 -19.94 3.84 -20.76
CA LEU C 211 -18.96 3.19 -21.59
C LEU C 211 -18.86 1.75 -21.08
N ASN C 212 -18.77 0.79 -21.98
CA ASN C 212 -18.64 -0.60 -21.59
C ASN C 212 -17.25 -1.07 -21.98
N ILE C 213 -16.47 -1.43 -20.97
CA ILE C 213 -15.10 -1.79 -21.21
C ILE C 213 -14.74 -3.11 -20.54
N GLY C 214 -13.97 -3.93 -21.25
CA GLY C 214 -13.58 -5.21 -20.69
C GLY C 214 -12.12 -5.58 -20.81
N HIS C 215 -11.76 -6.06 -21.99
CA HIS C 215 -10.42 -6.52 -22.25
C HIS C 215 -9.28 -5.64 -21.68
N ALA C 216 -9.27 -4.34 -21.97
CA ALA C 216 -8.19 -3.49 -21.46
C ALA C 216 -8.12 -3.50 -19.92
N ILE C 217 -9.28 -3.52 -19.25
CA ILE C 217 -9.31 -3.54 -17.80
C ILE C 217 -8.75 -4.86 -17.27
N ILE C 218 -9.17 -5.98 -17.87
CA ILE C 218 -8.67 -7.28 -17.43
C ILE C 218 -7.17 -7.40 -17.74
N GLY C 219 -6.75 -6.81 -18.87
CA GLY C 219 -5.35 -6.85 -19.28
C GLY C 219 -4.45 -6.09 -18.32
N ARG C 220 -4.97 -5.03 -17.73
CA ARG C 220 -4.24 -4.25 -16.77
C ARG C 220 -4.27 -4.98 -15.41
N ALA C 221 -5.42 -5.58 -15.12
CA ALA C 221 -5.60 -6.27 -13.85
C ALA C 221 -4.61 -7.40 -13.59
N VAL C 222 -4.27 -8.20 -14.59
CA VAL C 222 -3.31 -9.27 -14.30
C VAL C 222 -1.99 -8.71 -13.81
N MET C 223 -1.67 -7.49 -14.22
CA MET C 223 -0.43 -6.89 -13.74
C MET C 223 -0.68 -6.27 -12.39
N THR C 224 -1.63 -5.35 -12.44
CA THR C 224 -2.01 -4.47 -11.35
C THR C 224 -3.10 -4.84 -10.33
N GLY C 225 -3.96 -5.78 -10.67
CA GLY C 225 -5.05 -6.13 -9.77
C GLY C 225 -6.28 -5.42 -10.32
N LEU C 226 -7.43 -6.08 -10.25
CA LEU C 226 -8.68 -5.53 -10.75
C LEU C 226 -9.10 -4.20 -10.11
N LYS C 227 -9.11 -4.15 -8.78
CA LYS C 227 -9.52 -2.91 -8.10
C LYS C 227 -8.89 -1.66 -8.73
N ASP C 228 -7.56 -1.61 -8.76
CA ASP C 228 -6.87 -0.46 -9.34
C ASP C 228 -7.11 -0.28 -10.83
N ALA C 229 -7.18 -1.40 -11.56
CA ALA C 229 -7.43 -1.36 -12.99
C ALA C 229 -8.75 -0.62 -13.24
N VAL C 230 -9.78 -0.95 -12.47
CA VAL C 230 -11.10 -0.31 -12.65
C VAL C 230 -11.11 1.17 -12.20
N ALA C 231 -10.54 1.43 -11.02
CA ALA C 231 -10.47 2.75 -10.45
C ALA C 231 -9.75 3.70 -11.38
N GLU C 232 -8.69 3.19 -12.02
CA GLU C 232 -7.91 4.00 -12.94
C GLU C 232 -8.73 4.35 -14.18
N MET C 233 -9.42 3.36 -14.75
CA MET C 233 -10.25 3.62 -15.91
C MET C 233 -11.34 4.64 -15.50
N LYS C 234 -11.99 4.42 -14.35
CA LYS C 234 -13.04 5.36 -13.94
C LYS C 234 -12.47 6.79 -13.72
N ARG C 235 -11.24 6.89 -13.20
CA ARG C 235 -10.62 8.20 -12.96
C ARG C 235 -10.41 8.95 -14.27
N LEU C 236 -9.85 8.25 -15.27
CA LEU C 236 -9.59 8.85 -16.57
C LEU C 236 -10.91 9.28 -17.21
N MET C 237 -11.96 8.49 -17.05
CA MET C 237 -13.23 8.88 -17.64
C MET C 237 -13.75 10.19 -17.05
N LEU C 238 -13.78 10.31 -15.73
CA LEU C 238 -14.30 11.56 -15.15
C LEU C 238 -13.38 12.74 -15.45
N GLU C 239 -12.09 12.50 -15.58
CA GLU C 239 -11.18 13.59 -15.90
C GLU C 239 -11.51 14.21 -17.25
N ALA C 240 -11.80 13.36 -18.22
CA ALA C 240 -12.14 13.82 -19.56
C ALA C 240 -13.39 14.70 -19.54
N ARG C 241 -14.32 14.42 -18.63
CA ARG C 241 -15.54 15.22 -18.56
C ARG C 241 -15.43 16.49 -17.74
N GLY C 242 -14.40 16.61 -16.92
CA GLY C 242 -14.25 17.83 -16.13
C GLY C 242 -13.28 18.77 -16.82
N ALA D 1 26.09 -12.36 15.83
CA ALA D 1 24.80 -13.13 15.73
C ALA D 1 24.14 -12.96 14.36
N GLU D 2 23.28 -11.95 14.25
CA GLU D 2 22.56 -11.65 13.01
C GLU D 2 23.50 -11.26 11.86
N LEU D 3 23.30 -11.86 10.69
CA LEU D 3 24.09 -11.49 9.49
C LEU D 3 23.71 -10.03 9.28
N LEU D 4 24.66 -9.18 8.94
CA LEU D 4 24.34 -7.77 8.73
C LEU D 4 24.41 -7.35 7.27
N LEU D 5 23.65 -6.31 6.92
CA LEU D 5 23.65 -5.76 5.56
C LEU D 5 24.17 -4.32 5.53
N GLY D 6 25.17 -4.08 4.69
CA GLY D 6 25.70 -2.74 4.50
C GLY D 6 25.24 -2.31 3.10
N VAL D 7 24.51 -1.21 3.04
CA VAL D 7 24.03 -0.74 1.76
C VAL D 7 24.95 0.33 1.19
N ASN D 8 25.41 0.10 -0.03
CA ASN D 8 26.29 1.03 -0.72
C ASN D 8 25.40 1.94 -1.57
N ILE D 9 25.40 3.21 -1.24
CA ILE D 9 24.55 4.16 -1.90
C ILE D 9 25.25 4.97 -2.99
N ASP D 10 26.45 4.51 -3.40
CA ASP D 10 27.22 5.17 -4.44
C ASP D 10 26.42 5.55 -5.70
N HIS D 11 25.62 4.62 -6.19
CA HIS D 11 24.88 4.86 -7.43
C HIS D 11 23.70 5.79 -7.30
N ILE D 12 23.43 6.23 -6.07
CA ILE D 12 22.38 7.21 -5.89
C ILE D 12 23.11 8.43 -6.44
N ALA D 13 24.35 8.62 -5.99
CA ALA D 13 25.17 9.76 -6.45
C ALA D 13 25.49 9.65 -7.95
N THR D 14 25.58 8.42 -8.46
CA THR D 14 25.85 8.23 -9.89
C THR D 14 24.71 8.81 -10.71
N LEU D 15 23.48 8.66 -10.23
CA LEU D 15 22.34 9.19 -10.97
C LEU D 15 22.30 10.72 -10.81
N ARG D 16 22.62 11.22 -9.61
CA ARG D 16 22.62 12.67 -9.39
C ARG D 16 23.69 13.36 -10.21
N ASN D 17 24.91 12.84 -10.19
CA ASN D 17 26.00 13.47 -10.91
C ASN D 17 25.90 13.43 -12.44
N ALA D 18 24.91 12.69 -12.96
CA ALA D 18 24.72 12.62 -14.41
C ALA D 18 24.28 14.00 -14.89
N ARG D 19 23.87 14.85 -13.95
CA ARG D 19 23.45 16.20 -14.28
C ARG D 19 24.09 17.19 -13.32
N GLY D 20 23.68 18.44 -13.36
CA GLY D 20 24.25 19.41 -12.45
C GLY D 20 23.39 19.58 -11.20
N THR D 21 22.20 18.98 -11.22
CA THR D 21 21.27 19.08 -10.13
C THR D 21 21.72 18.32 -8.87
N ALA D 22 21.01 18.48 -7.76
CA ALA D 22 21.36 17.84 -6.51
C ALA D 22 20.58 16.55 -6.18
N TYR D 23 19.54 16.27 -6.95
CA TYR D 23 18.73 15.08 -6.73
C TYR D 23 19.11 13.97 -7.72
N PRO D 24 19.03 12.69 -7.31
CA PRO D 24 18.59 12.31 -5.96
C PRO D 24 19.74 12.54 -4.98
N ASP D 25 19.39 12.80 -3.72
CA ASP D 25 20.36 13.06 -2.69
C ASP D 25 20.69 11.81 -1.87
N PRO D 26 21.97 11.44 -1.80
CA PRO D 26 22.41 10.27 -1.03
C PRO D 26 21.99 10.37 0.45
N VAL D 27 21.94 11.60 0.98
CA VAL D 27 21.57 11.79 2.39
C VAL D 27 20.17 11.22 2.64
N GLN D 28 19.26 11.37 1.68
CA GLN D 28 17.92 10.81 1.85
C GLN D 28 17.93 9.30 1.73
N ALA D 29 18.64 8.77 0.73
CA ALA D 29 18.70 7.33 0.50
C ALA D 29 19.22 6.61 1.74
N ALA D 30 20.13 7.26 2.47
CA ALA D 30 20.71 6.66 3.68
C ALA D 30 19.67 6.51 4.82
N PHE D 31 18.81 7.50 5.00
CA PHE D 31 17.78 7.42 6.04
C PHE D 31 16.81 6.27 5.68
N ILE D 32 16.44 6.20 4.41
CA ILE D 32 15.51 5.17 3.94
C ILE D 32 16.08 3.79 4.21
N ALA D 33 17.31 3.57 3.76
CA ALA D 33 17.95 2.28 3.92
C ALA D 33 18.15 1.86 5.40
N GLU D 34 18.56 2.80 6.25
CA GLU D 34 18.80 2.53 7.67
C GLU D 34 17.52 2.16 8.42
N GLN D 35 16.39 2.51 7.85
CA GLN D 35 15.14 2.20 8.50
C GLN D 35 14.45 1.04 7.78
N ALA D 36 15.14 0.42 6.83
CA ALA D 36 14.54 -0.66 6.05
C ALA D 36 15.32 -1.97 6.03
N GLY D 37 16.30 -2.09 6.93
CA GLY D 37 17.09 -3.30 6.99
C GLY D 37 18.59 -3.10 6.89
N ALA D 38 19.04 -1.91 6.51
CA ALA D 38 20.49 -1.67 6.42
C ALA D 38 21.02 -1.53 7.85
N ASP D 39 22.16 -2.16 8.12
CA ASP D 39 22.74 -2.07 9.45
C ASP D 39 23.90 -1.08 9.42
N GLY D 40 24.25 -0.64 8.20
CA GLY D 40 25.31 0.33 8.01
C GLY D 40 25.22 0.90 6.60
N ILE D 41 25.87 2.03 6.38
CA ILE D 41 25.83 2.63 5.05
C ILE D 41 27.25 2.72 4.48
N THR D 42 27.40 2.38 3.20
CA THR D 42 28.70 2.43 2.58
C THR D 42 28.76 3.44 1.45
N VAL D 43 29.81 4.26 1.47
CA VAL D 43 30.04 5.23 0.42
C VAL D 43 31.50 5.08 0.04
N HIS D 44 31.77 5.08 -1.25
CA HIS D 44 33.14 4.99 -1.68
C HIS D 44 33.52 6.38 -2.19
N LEU D 45 34.40 7.06 -1.45
CA LEU D 45 34.88 8.37 -1.83
C LEU D 45 36.01 8.15 -2.83
N ARG D 46 35.73 8.27 -4.13
CA ARG D 46 36.77 8.08 -5.13
C ARG D 46 37.65 9.32 -5.27
N GLU D 47 38.91 9.13 -5.64
CA GLU D 47 39.81 10.27 -5.80
C GLU D 47 39.19 11.27 -6.78
N ASP D 48 38.54 10.75 -7.82
CA ASP D 48 37.91 11.60 -8.83
C ASP D 48 36.51 12.09 -8.43
N ARG D 49 36.02 11.67 -7.27
CA ARG D 49 34.68 12.04 -6.82
C ARG D 49 33.60 11.88 -7.93
N ARG D 50 33.75 10.82 -8.71
CA ARG D 50 32.84 10.46 -9.80
C ARG D 50 31.39 10.46 -9.30
N HIS D 51 31.13 9.83 -8.15
CA HIS D 51 29.78 9.81 -7.60
C HIS D 51 29.75 10.48 -6.24
N ILE D 52 30.13 9.77 -5.18
CA ILE D 52 30.13 10.36 -3.84
C ILE D 52 31.12 11.54 -3.76
N THR D 53 30.70 12.63 -3.13
CA THR D 53 31.51 13.83 -3.01
C THR D 53 31.87 14.09 -1.56
N ASP D 54 32.76 15.06 -1.37
CA ASP D 54 33.21 15.45 -0.03
C ASP D 54 32.02 15.91 0.78
N ARG D 55 31.11 16.69 0.17
CA ARG D 55 29.98 17.12 0.97
C ARG D 55 29.16 15.89 1.39
N ASP D 56 28.96 14.92 0.50
CA ASP D 56 28.19 13.70 0.85
C ASP D 56 28.72 13.11 2.14
N VAL D 57 30.03 12.85 2.15
CA VAL D 57 30.72 12.28 3.33
C VAL D 57 30.54 13.15 4.54
N ARG D 58 30.82 14.45 4.39
CA ARG D 58 30.70 15.37 5.51
C ARG D 58 29.29 15.35 6.11
N ILE D 59 28.28 15.52 5.26
CA ILE D 59 26.89 15.53 5.76
C ILE D 59 26.43 14.17 6.30
N LEU D 60 26.71 13.10 5.57
CA LEU D 60 26.32 11.75 5.97
C LEU D 60 26.89 11.43 7.36
N ARG D 61 28.12 11.88 7.63
CA ARG D 61 28.75 11.62 8.91
C ARG D 61 27.93 12.21 10.07
N GLN D 62 27.14 13.24 9.77
CA GLN D 62 26.31 13.87 10.79
C GLN D 62 24.86 13.35 10.78
N THR D 63 24.43 12.76 9.68
CA THR D 63 23.06 12.28 9.63
C THR D 63 22.84 10.78 9.79
N LEU D 64 23.85 9.96 9.53
CA LEU D 64 23.67 8.50 9.68
C LEU D 64 23.29 8.18 11.12
N ASP D 65 22.34 7.29 11.28
CA ASP D 65 21.88 6.89 12.58
C ASP D 65 22.60 5.60 12.97
N THR D 66 23.22 4.94 12.00
CA THR D 66 23.93 3.69 12.29
C THR D 66 25.42 3.99 12.24
N ARG D 67 26.08 3.65 11.14
CA ARG D 67 27.48 3.95 10.98
C ARG D 67 27.95 3.92 9.55
N MET D 68 29.03 4.66 9.34
CA MET D 68 29.60 4.77 8.04
C MET D 68 30.71 3.77 7.76
N ASN D 69 30.71 3.25 6.56
CA ASN D 69 31.76 2.38 6.13
C ASN D 69 32.35 3.16 4.96
N LEU D 70 33.44 3.87 5.23
CA LEU D 70 34.11 4.67 4.20
C LEU D 70 34.98 3.78 3.30
N GLU D 71 34.64 3.70 2.02
CA GLU D 71 35.43 2.91 1.07
C GLU D 71 36.39 3.87 0.42
N MET D 72 37.68 3.50 0.38
CA MET D 72 38.70 4.37 -0.20
C MET D 72 39.94 3.63 -0.65
N ALA D 73 40.71 4.27 -1.52
CA ALA D 73 41.96 3.72 -2.04
C ALA D 73 43.04 4.11 -1.03
N VAL D 74 44.15 3.37 -1.00
CA VAL D 74 45.19 3.69 -0.03
C VAL D 74 46.13 4.80 -0.50
N THR D 75 45.76 6.04 -0.23
CA THR D 75 46.59 7.20 -0.58
C THR D 75 46.67 8.09 0.66
N GLU D 76 47.56 9.08 0.62
CA GLU D 76 47.72 9.99 1.75
C GLU D 76 46.53 10.91 1.89
N GLU D 77 45.91 11.25 0.76
CA GLU D 77 44.74 12.12 0.76
C GLU D 77 43.63 11.44 1.56
N MET D 78 43.33 10.20 1.17
CA MET D 78 42.28 9.42 1.82
C MET D 78 42.56 9.06 3.27
N LEU D 79 43.79 8.67 3.60
CA LEU D 79 44.09 8.33 4.99
C LEU D 79 43.79 9.56 5.86
N ALA D 80 44.22 10.73 5.43
CA ALA D 80 43.97 11.92 6.24
C ALA D 80 42.46 12.23 6.29
N ILE D 81 41.75 12.00 5.18
CA ILE D 81 40.30 12.26 5.22
C ILE D 81 39.70 11.31 6.26
N ALA D 82 39.96 10.01 6.08
CA ALA D 82 39.42 9.01 7.00
C ALA D 82 39.79 9.27 8.44
N VAL D 83 41.02 9.70 8.70
CA VAL D 83 41.41 9.95 10.09
C VAL D 83 40.62 11.08 10.68
N GLU D 84 40.43 12.13 9.88
CA GLU D 84 39.67 13.30 10.28
C GLU D 84 38.18 12.99 10.32
N THR D 85 37.72 12.12 9.42
CA THR D 85 36.31 11.76 9.37
C THR D 85 35.86 10.81 10.49
N LYS D 86 36.74 9.94 10.95
CA LYS D 86 36.40 8.99 12.01
C LYS D 86 35.23 8.07 11.66
N PRO D 87 35.21 7.53 10.43
CA PRO D 87 34.07 6.65 10.14
C PRO D 87 34.26 5.43 11.03
N HIS D 88 33.20 4.65 11.28
CA HIS D 88 33.31 3.47 12.11
C HIS D 88 34.18 2.41 11.41
N PHE D 89 33.92 2.21 10.10
CA PHE D 89 34.67 1.26 9.28
C PHE D 89 35.31 1.94 8.08
N CYS D 90 36.37 1.33 7.59
CA CYS D 90 37.10 1.81 6.44
C CYS D 90 37.38 0.55 5.63
N CYS D 91 37.06 0.59 4.34
CA CYS D 91 37.34 -0.56 3.50
C CYS D 91 38.31 -0.10 2.41
N LEU D 92 39.55 -0.60 2.46
CA LEU D 92 40.61 -0.22 1.51
C LEU D 92 40.46 -1.00 0.23
N VAL D 93 40.36 -0.25 -0.86
CA VAL D 93 40.16 -0.85 -2.16
C VAL D 93 41.12 -0.34 -3.22
N PRO D 94 41.37 -1.16 -4.24
CA PRO D 94 42.27 -0.77 -5.33
C PRO D 94 41.57 0.26 -6.19
N GLU D 95 42.29 1.28 -6.65
CA GLU D 95 41.71 2.29 -7.54
C GLU D 95 42.56 2.46 -8.81
N LYS D 96 43.78 1.94 -8.78
CA LYS D 96 44.69 2.03 -9.94
C LYS D 96 45.25 0.66 -10.31
N ARG D 97 45.69 0.52 -11.56
CA ARG D 97 46.24 -0.75 -12.08
C ARG D 97 47.33 -1.34 -11.20
N GLN D 98 48.13 -0.45 -10.60
CA GLN D 98 49.23 -0.86 -9.74
C GLN D 98 48.74 -1.07 -8.31
N GLU D 99 47.54 -1.65 -8.21
CA GLU D 99 46.92 -1.91 -6.91
C GLU D 99 46.02 -3.14 -6.94
N VAL D 100 45.54 -3.51 -8.12
CA VAL D 100 44.65 -4.66 -8.25
C VAL D 100 45.31 -5.93 -8.69
N THR D 101 44.63 -7.04 -8.40
CA THR D 101 45.09 -8.35 -8.82
C THR D 101 44.36 -8.52 -10.14
N THR D 102 44.62 -9.64 -10.80
CA THR D 102 43.98 -9.92 -12.07
C THR D 102 42.48 -10.11 -11.86
N GLU D 103 42.05 -10.31 -10.61
CA GLU D 103 40.63 -10.53 -10.30
C GLU D 103 39.81 -9.27 -9.96
N GLY D 104 40.30 -8.42 -9.07
CA GLY D 104 39.56 -7.21 -8.72
C GLY D 104 39.85 -6.71 -7.32
N GLY D 105 40.24 -7.61 -6.45
CA GLY D 105 40.55 -7.21 -5.09
C GLY D 105 41.86 -6.44 -5.00
N LEU D 106 42.10 -5.89 -3.81
CA LEU D 106 43.28 -5.10 -3.47
C LEU D 106 44.50 -6.02 -3.36
N ASP D 107 45.63 -5.65 -3.95
CA ASP D 107 46.84 -6.48 -3.86
C ASP D 107 47.56 -6.18 -2.57
N VAL D 108 47.28 -6.99 -1.55
CA VAL D 108 47.90 -6.77 -0.25
C VAL D 108 49.26 -7.45 -0.17
N ALA D 109 49.33 -8.67 -0.68
CA ALA D 109 50.57 -9.44 -0.62
C ALA D 109 51.69 -8.80 -1.43
N GLY D 110 51.32 -7.80 -2.24
CA GLY D 110 52.30 -7.11 -3.06
C GLY D 110 52.58 -5.69 -2.60
N GLN D 111 51.94 -5.26 -1.52
CA GLN D 111 52.13 -3.90 -0.99
C GLN D 111 52.06 -3.98 0.54
N ARG D 112 52.68 -5.01 1.08
CA ARG D 112 52.68 -5.27 2.50
C ARG D 112 53.08 -4.14 3.44
N ASP D 113 54.02 -3.30 3.04
CA ASP D 113 54.42 -2.21 3.93
C ASP D 113 53.37 -1.09 3.91
N LYS D 114 52.85 -0.79 2.73
CA LYS D 114 51.83 0.25 2.60
C LYS D 114 50.61 -0.12 3.43
N MET D 115 50.12 -1.36 3.24
CA MET D 115 48.95 -1.79 3.96
C MET D 115 49.22 -1.84 5.46
N ARG D 116 50.35 -2.41 5.84
CA ARG D 116 50.71 -2.49 7.25
C ARG D 116 50.64 -1.09 7.84
N ASP D 117 51.06 -0.12 7.05
CA ASP D 117 51.05 1.26 7.49
C ASP D 117 49.66 1.88 7.59
N ALA D 118 48.85 1.66 6.56
CA ALA D 118 47.51 2.19 6.55
C ALA D 118 46.75 1.57 7.71
N CYS D 119 46.82 0.24 7.82
CA CYS D 119 46.11 -0.46 8.89
C CYS D 119 46.40 0.09 10.31
N LYS D 120 47.67 0.23 10.64
CA LYS D 120 48.10 0.74 11.93
C LYS D 120 47.61 2.17 12.17
N ARG D 121 47.75 3.01 11.15
CA ARG D 121 47.37 4.41 11.23
C ARG D 121 45.87 4.58 11.42
N LEU D 122 45.06 3.87 10.63
CA LEU D 122 43.63 3.99 10.77
C LEU D 122 43.20 3.51 12.16
N ALA D 123 43.79 2.40 12.60
CA ALA D 123 43.49 1.83 13.90
C ALA D 123 43.76 2.82 15.04
N ASP D 124 44.90 3.51 14.99
CA ASP D 124 45.21 4.49 16.03
C ASP D 124 44.09 5.50 16.16
N ALA D 125 43.42 5.78 15.04
CA ALA D 125 42.32 6.75 15.01
C ALA D 125 40.95 6.12 15.34
N GLY D 126 40.97 4.86 15.76
CA GLY D 126 39.73 4.18 16.12
C GLY D 126 38.87 3.61 14.98
N ILE D 127 39.43 3.49 13.78
CA ILE D 127 38.68 2.98 12.65
C ILE D 127 38.93 1.47 12.46
N GLN D 128 37.87 0.70 12.27
CA GLN D 128 38.07 -0.73 12.05
C GLN D 128 38.27 -0.86 10.57
N VAL D 129 39.35 -1.52 10.22
CA VAL D 129 39.75 -1.69 8.83
C VAL D 129 39.46 -3.02 8.19
N SER D 130 38.95 -2.92 6.98
CA SER D 130 38.64 -4.09 6.18
C SER D 130 39.41 -3.98 4.88
N LEU D 131 40.01 -5.08 4.45
CA LEU D 131 40.76 -5.10 3.21
C LEU D 131 39.91 -5.86 2.17
N PHE D 132 39.56 -5.18 1.08
CA PHE D 132 38.78 -5.81 0.04
C PHE D 132 39.70 -6.70 -0.78
N ILE D 133 39.55 -8.03 -0.64
CA ILE D 133 40.45 -8.94 -1.38
C ILE D 133 39.78 -10.14 -2.06
N ASP D 134 40.55 -10.82 -2.91
CA ASP D 134 40.08 -12.00 -3.61
C ASP D 134 40.03 -13.18 -2.67
N ALA D 135 39.23 -14.19 -3.06
CA ALA D 135 39.11 -15.42 -2.28
C ALA D 135 40.43 -16.11 -2.57
N ASP D 136 41.50 -15.49 -2.07
CA ASP D 136 42.85 -15.98 -2.32
C ASP D 136 43.65 -16.14 -1.04
N GLU D 137 44.04 -17.38 -0.74
CA GLU D 137 44.81 -17.67 0.46
C GLU D 137 46.04 -16.81 0.65
N GLU D 138 46.69 -16.45 -0.44
CA GLU D 138 47.89 -15.64 -0.30
C GLU D 138 47.52 -14.23 0.18
N GLN D 139 46.51 -13.64 -0.45
CA GLN D 139 46.10 -12.30 -0.04
C GLN D 139 45.55 -12.32 1.40
N ILE D 140 44.88 -13.41 1.77
CA ILE D 140 44.32 -13.51 3.11
C ILE D 140 45.44 -13.61 4.17
N LYS D 141 46.46 -14.42 3.89
CA LYS D 141 47.57 -14.54 4.83
C LYS D 141 48.18 -13.15 4.98
N ALA D 142 48.33 -12.47 3.83
CA ALA D 142 48.89 -11.12 3.82
C ALA D 142 48.07 -10.17 4.69
N ALA D 143 46.74 -10.23 4.53
CA ALA D 143 45.88 -9.33 5.31
C ALA D 143 45.99 -9.61 6.79
N ALA D 144 46.13 -10.90 7.13
CA ALA D 144 46.25 -11.31 8.52
C ALA D 144 47.58 -10.80 9.06
N GLU D 145 48.62 -11.03 8.28
CA GLU D 145 49.97 -10.63 8.67
C GLU D 145 50.07 -9.12 8.92
N VAL D 146 49.45 -8.37 8.04
CA VAL D 146 49.47 -6.92 8.08
C VAL D 146 48.67 -6.23 9.22
N GLY D 147 47.83 -6.98 9.92
CA GLY D 147 47.09 -6.39 11.04
C GLY D 147 45.63 -6.02 10.88
N ALA D 148 45.08 -6.13 9.66
CA ALA D 148 43.68 -5.79 9.43
C ALA D 148 42.72 -6.67 10.24
N PRO D 149 41.71 -6.07 10.91
CA PRO D 149 40.82 -6.97 11.66
C PRO D 149 39.80 -7.67 10.73
N PHE D 150 39.52 -7.02 9.61
CA PHE D 150 38.52 -7.54 8.65
C PHE D 150 39.05 -7.70 7.24
N ILE D 151 38.41 -8.61 6.50
CA ILE D 151 38.67 -8.74 5.07
C ILE D 151 37.26 -8.74 4.48
N GLU D 152 37.12 -8.36 3.22
CA GLU D 152 35.83 -8.42 2.56
C GLU D 152 36.16 -9.16 1.29
N ILE D 153 35.54 -10.31 1.12
CA ILE D 153 35.80 -11.12 -0.04
C ILE D 153 35.03 -10.63 -1.26
N HIS D 154 35.75 -10.57 -2.37
CA HIS D 154 35.21 -10.15 -3.65
C HIS D 154 34.34 -11.24 -4.26
N THR D 155 33.03 -10.99 -4.32
CA THR D 155 32.11 -11.99 -4.88
C THR D 155 31.85 -11.81 -6.37
N GLY D 156 32.56 -10.88 -6.99
CA GLY D 156 32.40 -10.63 -8.41
C GLY D 156 32.51 -11.87 -9.30
N CYS D 157 33.56 -12.67 -9.14
CA CYS D 157 33.73 -13.87 -9.97
C CYS D 157 32.53 -14.76 -9.85
N TYR D 158 32.10 -14.97 -8.61
CA TYR D 158 30.91 -15.77 -8.33
C TYR D 158 29.69 -15.14 -8.99
N ALA D 159 29.56 -13.83 -8.88
CA ALA D 159 28.43 -13.13 -9.48
C ALA D 159 28.39 -13.21 -11.01
N ASP D 160 29.56 -13.31 -11.64
CA ASP D 160 29.66 -13.35 -13.10
C ASP D 160 29.79 -14.72 -13.71
N ALA D 161 29.76 -15.77 -12.88
CA ALA D 161 29.85 -17.13 -13.38
C ALA D 161 28.89 -17.33 -14.57
N LYS D 162 29.40 -17.92 -15.64
CA LYS D 162 28.56 -18.14 -16.81
C LYS D 162 27.79 -19.46 -16.84
N THR D 163 28.15 -20.40 -15.97
CA THR D 163 27.44 -21.68 -15.93
C THR D 163 27.19 -22.09 -14.48
N ASP D 164 26.18 -22.92 -14.27
CA ASP D 164 25.90 -23.36 -12.93
C ASP D 164 27.15 -23.94 -12.33
N ALA D 165 27.80 -24.84 -13.07
CA ALA D 165 29.02 -25.49 -12.58
C ALA D 165 30.03 -24.44 -12.13
N GLU D 166 30.29 -23.50 -13.03
CA GLU D 166 31.23 -22.42 -12.79
C GLU D 166 30.85 -21.69 -11.48
N GLN D 167 29.55 -21.46 -11.32
CA GLN D 167 29.05 -20.78 -10.13
C GLN D 167 29.28 -21.60 -8.85
N ALA D 168 28.98 -22.90 -8.88
CA ALA D 168 29.17 -23.75 -7.69
C ALA D 168 30.64 -23.71 -7.25
N GLN D 169 31.51 -23.68 -8.24
CA GLN D 169 32.94 -23.64 -8.03
C GLN D 169 33.35 -22.36 -7.27
N GLU D 170 32.92 -21.21 -7.76
CA GLU D 170 33.27 -19.96 -7.13
C GLU D 170 32.67 -19.86 -5.70
N LEU D 171 31.45 -20.36 -5.54
CA LEU D 171 30.80 -20.34 -4.25
C LEU D 171 31.74 -21.09 -3.31
N ALA D 172 32.08 -22.33 -3.69
CA ALA D 172 32.98 -23.18 -2.90
C ALA D 172 34.26 -22.44 -2.49
N ARG D 173 34.90 -21.83 -3.48
CA ARG D 173 36.12 -21.10 -3.26
C ARG D 173 35.94 -19.96 -2.29
N ILE D 174 34.73 -19.39 -2.26
CA ILE D 174 34.51 -18.30 -1.33
C ILE D 174 34.29 -18.87 0.05
N ALA D 175 33.50 -19.93 0.13
CA ALA D 175 33.24 -20.55 1.43
C ALA D 175 34.56 -21.00 2.07
N LYS D 176 35.40 -21.71 1.29
CA LYS D 176 36.68 -22.18 1.81
C LYS D 176 37.53 -21.01 2.28
N ALA D 177 37.58 -19.96 1.47
CA ALA D 177 38.37 -18.79 1.83
C ALA D 177 37.85 -18.15 3.12
N ALA D 178 36.52 -18.18 3.32
CA ALA D 178 35.94 -17.60 4.53
C ALA D 178 36.37 -18.37 5.77
N THR D 179 36.33 -19.70 5.67
CA THR D 179 36.71 -20.56 6.80
C THR D 179 38.20 -20.38 7.11
N PHE D 180 38.99 -20.34 6.05
CA PHE D 180 40.41 -20.14 6.15
C PHE D 180 40.70 -18.78 6.84
N ALA D 181 40.05 -17.72 6.35
CA ALA D 181 40.25 -16.39 6.90
C ALA D 181 39.94 -16.39 8.38
N ALA D 182 38.79 -16.96 8.74
CA ALA D 182 38.36 -17.04 10.14
C ALA D 182 39.39 -17.76 11.02
N SER D 183 40.02 -18.81 10.48
CA SER D 183 41.01 -19.61 11.23
C SER D 183 42.25 -18.79 11.59
N LEU D 184 42.48 -17.71 10.86
CA LEU D 184 43.61 -16.80 11.08
C LEU D 184 43.19 -15.60 11.97
N GLY D 185 42.00 -15.64 12.53
CA GLY D 185 41.57 -14.53 13.39
C GLY D 185 40.89 -13.34 12.73
N LEU D 186 40.67 -13.42 11.42
CA LEU D 186 40.02 -12.33 10.70
C LEU D 186 38.50 -12.43 10.72
N LYS D 187 37.81 -11.30 10.78
CA LYS D 187 36.36 -11.33 10.66
C LYS D 187 36.17 -11.16 9.15
N VAL D 188 35.12 -11.70 8.56
CA VAL D 188 35.00 -11.56 7.12
C VAL D 188 33.67 -11.15 6.53
N ASN D 189 33.76 -10.19 5.61
CA ASN D 189 32.59 -9.68 4.91
C ASN D 189 32.71 -10.18 3.47
N ALA D 190 31.70 -9.87 2.67
CA ALA D 190 31.69 -10.28 1.28
C ALA D 190 30.92 -9.22 0.50
N GLY D 191 31.20 -9.10 -0.79
CA GLY D 191 30.49 -8.12 -1.56
C GLY D 191 31.02 -7.91 -2.96
N HIS D 192 30.19 -7.22 -3.75
CA HIS D 192 30.41 -6.86 -5.14
C HIS D 192 29.65 -7.83 -6.03
N GLY D 193 28.68 -7.28 -6.75
CA GLY D 193 27.87 -8.09 -7.65
C GLY D 193 26.75 -8.91 -7.01
N LEU D 194 26.51 -8.79 -5.69
CA LEU D 194 25.43 -9.57 -5.05
C LEU D 194 24.07 -9.08 -5.54
N THR D 195 23.20 -10.04 -5.88
CA THR D 195 21.86 -9.72 -6.42
C THR D 195 20.74 -10.40 -5.67
N TYR D 196 19.51 -10.08 -6.00
CA TYR D 196 18.39 -10.74 -5.33
C TYR D 196 18.39 -12.24 -5.59
N HIS D 197 18.96 -12.66 -6.70
CA HIS D 197 18.95 -14.08 -6.99
C HIS D 197 20.23 -14.85 -6.64
N ASN D 198 21.33 -14.18 -6.33
CA ASN D 198 22.52 -14.93 -5.98
C ASN D 198 22.98 -14.74 -4.54
N VAL D 199 22.30 -13.87 -3.78
CA VAL D 199 22.74 -13.58 -2.40
C VAL D 199 22.58 -14.67 -1.33
N LYS D 200 21.55 -15.49 -1.43
CA LYS D 200 21.32 -16.50 -0.39
C LYS D 200 22.45 -17.47 -0.15
N ALA D 201 23.07 -17.94 -1.23
CA ALA D 201 24.15 -18.91 -1.11
C ALA D 201 25.31 -18.24 -0.40
N ILE D 202 25.52 -16.96 -0.67
CA ILE D 202 26.61 -16.26 -0.01
C ILE D 202 26.23 -16.00 1.46
N ALA D 203 24.97 -15.61 1.70
CA ALA D 203 24.53 -15.35 3.07
C ALA D 203 24.63 -16.62 3.96
N ALA D 204 24.37 -17.79 3.37
CA ALA D 204 24.42 -19.04 4.13
C ALA D 204 25.82 -19.35 4.68
N ILE D 205 26.85 -18.81 4.06
CA ILE D 205 28.20 -19.04 4.57
C ILE D 205 28.20 -18.43 5.97
N PRO D 206 28.44 -19.28 6.98
CA PRO D 206 28.46 -18.94 8.41
C PRO D 206 29.45 -17.89 8.85
N GLU D 207 30.65 -17.91 8.28
CA GLU D 207 31.65 -16.95 8.71
C GLU D 207 31.36 -15.49 8.29
N MET D 208 30.44 -15.32 7.33
CA MET D 208 30.09 -13.99 6.85
C MET D 208 29.51 -13.11 7.96
N HIS D 209 30.13 -11.95 8.15
CA HIS D 209 29.71 -10.99 9.16
C HIS D 209 28.73 -9.96 8.58
N GLU D 210 29.10 -9.39 7.43
CA GLU D 210 28.23 -8.42 6.80
C GLU D 210 28.35 -8.50 5.30
N LEU D 211 27.25 -8.33 4.60
CA LEU D 211 27.32 -8.32 3.13
C LEU D 211 27.16 -6.86 2.67
N ASN D 212 28.07 -6.40 1.81
CA ASN D 212 28.02 -5.05 1.31
C ASN D 212 27.46 -5.11 -0.10
N ILE D 213 26.26 -4.54 -0.25
CA ILE D 213 25.53 -4.57 -1.50
C ILE D 213 25.08 -3.19 -1.95
N GLY D 214 25.26 -2.91 -3.23
CA GLY D 214 24.87 -1.62 -3.78
C GLY D 214 24.05 -1.62 -5.06
N HIS D 215 24.73 -1.80 -6.19
CA HIS D 215 24.07 -1.73 -7.49
C HIS D 215 22.77 -2.50 -7.65
N ALA D 216 22.69 -3.75 -7.23
CA ALA D 216 21.43 -4.48 -7.41
C ALA D 216 20.29 -3.82 -6.65
N ILE D 217 20.55 -3.34 -5.44
CA ILE D 217 19.51 -2.69 -4.67
C ILE D 217 19.01 -1.40 -5.37
N ILE D 218 19.94 -0.54 -5.78
CA ILE D 218 19.55 0.68 -6.48
C ILE D 218 18.85 0.32 -7.80
N GLY D 219 19.32 -0.73 -8.45
CA GLY D 219 18.70 -1.16 -9.70
C GLY D 219 17.25 -1.54 -9.47
N ARG D 220 16.96 -2.18 -8.34
CA ARG D 220 15.60 -2.60 -7.98
C ARG D 220 14.79 -1.38 -7.53
N ALA D 221 15.42 -0.52 -6.72
CA ALA D 221 14.80 0.69 -6.22
C ALA D 221 14.14 1.57 -7.30
N VAL D 222 14.80 1.79 -8.45
CA VAL D 222 14.16 2.64 -9.50
C VAL D 222 12.81 2.09 -9.87
N MET D 223 12.63 0.77 -9.76
CA MET D 223 11.34 0.19 -10.06
C MET D 223 10.40 0.25 -8.85
N THR D 224 10.78 -0.42 -7.76
CA THR D 224 9.97 -0.55 -6.54
C THR D 224 10.17 0.48 -5.42
N GLY D 225 11.17 1.35 -5.52
CA GLY D 225 11.43 2.27 -4.43
C GLY D 225 12.45 1.65 -3.46
N LEU D 226 13.36 2.47 -2.96
CA LEU D 226 14.44 2.04 -2.05
C LEU D 226 14.01 1.27 -0.80
N LYS D 227 12.93 1.69 -0.16
CA LYS D 227 12.54 1.02 1.06
C LYS D 227 12.34 -0.48 0.85
N ASP D 228 11.47 -0.84 -0.09
CA ASP D 228 11.21 -2.25 -0.37
C ASP D 228 12.41 -2.99 -0.93
N ALA D 229 13.26 -2.30 -1.69
CA ALA D 229 14.41 -2.98 -2.26
C ALA D 229 15.36 -3.39 -1.15
N VAL D 230 15.59 -2.50 -0.17
CA VAL D 230 16.47 -2.83 0.96
C VAL D 230 15.84 -3.94 1.85
N ALA D 231 14.58 -3.77 2.21
CA ALA D 231 13.83 -4.72 3.04
C ALA D 231 13.87 -6.13 2.46
N GLU D 232 13.61 -6.22 1.15
CA GLU D 232 13.60 -7.48 0.42
C GLU D 232 14.95 -8.18 0.49
N MET D 233 16.03 -7.41 0.30
CA MET D 233 17.37 -7.97 0.32
C MET D 233 17.67 -8.51 1.72
N LYS D 234 17.37 -7.71 2.75
CA LYS D 234 17.61 -8.15 4.13
C LYS D 234 16.79 -9.42 4.40
N ARG D 235 15.52 -9.44 3.99
CA ARG D 235 14.68 -10.62 4.20
C ARG D 235 15.34 -11.87 3.60
N LEU D 236 15.80 -11.76 2.36
CA LEU D 236 16.42 -12.90 1.70
C LEU D 236 17.65 -13.37 2.46
N MET D 237 18.43 -12.43 2.99
CA MET D 237 19.61 -12.81 3.75
C MET D 237 19.25 -13.60 5.00
N LEU D 238 18.29 -13.10 5.77
CA LEU D 238 17.90 -13.82 6.98
C LEU D 238 17.26 -15.17 6.65
N GLU D 239 16.55 -15.26 5.54
CA GLU D 239 15.98 -16.56 5.17
C GLU D 239 17.12 -17.56 4.97
N ALA D 240 18.21 -17.09 4.38
CA ALA D 240 19.35 -17.96 4.12
C ALA D 240 19.97 -18.54 5.39
N ARG D 241 19.92 -17.82 6.50
CA ARG D 241 20.51 -18.31 7.74
C ARG D 241 19.52 -19.08 8.61
N GLY D 242 18.27 -19.18 8.16
CA GLY D 242 17.27 -19.91 8.91
C GLY D 242 17.00 -21.28 8.29
#